data_6Q2V
#
_entry.id   6Q2V
#
_cell.length_a   69.745
_cell.length_b   69.306
_cell.length_c   127.215
_cell.angle_alpha   90.000
_cell.angle_beta   100.090
_cell.angle_gamma   90.000
#
_symmetry.space_group_name_H-M   'P 1 21 1'
#
loop_
_entity.id
_entity.type
_entity.pdbx_description
1 polymer 'PHD finger protein 3'
2 non-polymer GLYCEROL
3 water water
#
_entity_poly.entity_id   1
_entity_poly.type   'polypeptide(L)'
_entity_poly.pdbx_seq_one_letter_code
;GA(MSE)GSTFLARLNFIWKGFIN(MSE)PSVAKFVTKAYPVSGSPEYLTEDLPDSIQVGGRISPQTVWDYVEKIKASGT
KEICVVRFTPVTEEDQISYTLLFAYFSSRKRYGVAANN(MSE)KQVKD(MSE)YLIPLGATDKIPHPLVPFDGPGLELHR
PNLLLGLIIRQKLKRQHS
;
_entity_poly.pdbx_strand_id   A,B,C,D,E,F,G,H
#
# COMPACT_ATOMS: atom_id res chain seq x y z
N ASN A 12 -28.21 -15.29 20.70
CA ASN A 12 -27.39 -16.44 21.07
C ASN A 12 -25.91 -16.14 20.87
N PHE A 13 -25.47 -16.15 19.61
CA PHE A 13 -24.08 -15.88 19.29
C PHE A 13 -23.87 -14.40 19.00
N ILE A 14 -22.63 -13.94 19.18
CA ILE A 14 -22.32 -12.53 19.05
C ILE A 14 -22.05 -12.16 17.60
N TRP A 15 -21.26 -12.97 16.91
CA TRP A 15 -20.76 -12.59 15.59
C TRP A 15 -20.48 -13.85 14.76
N LYS A 16 -20.84 -13.80 13.48
CA LYS A 16 -20.61 -14.89 12.55
C LYS A 16 -19.85 -14.36 11.35
N GLY A 17 -18.66 -14.89 11.13
CA GLY A 17 -17.85 -14.45 10.01
C GLY A 17 -16.62 -15.30 9.85
N PHE A 18 -15.68 -14.79 9.05
CA PHE A 18 -14.48 -15.53 8.70
C PHE A 18 -13.34 -15.19 9.65
N ILE A 19 -12.40 -16.13 9.76
CA ILE A 19 -11.11 -15.92 10.41
C ILE A 19 -10.05 -16.38 9.42
N ASN A 20 -9.30 -15.43 8.87
CA ASN A 20 -8.42 -15.69 7.74
C ASN A 20 -6.97 -15.53 8.15
N PRO A 22 -3.62 -16.06 6.01
CA PRO A 22 -3.17 -16.38 4.66
C PRO A 22 -2.17 -17.53 4.64
N SER A 23 -2.41 -18.48 3.74
CA SER A 23 -1.51 -19.61 3.48
C SER A 23 -1.41 -20.56 4.67
N VAL A 24 -2.45 -20.63 5.50
CA VAL A 24 -2.49 -21.60 6.60
C VAL A 24 -3.91 -22.15 6.72
N ALA A 25 -4.88 -21.28 6.93
CA ALA A 25 -6.27 -21.70 7.12
C ALA A 25 -7.18 -20.48 7.08
N LYS A 26 -8.43 -20.72 6.72
CA LYS A 26 -9.48 -19.70 6.79
C LYS A 26 -10.82 -20.42 6.77
N PHE A 27 -11.77 -19.91 7.54
CA PHE A 27 -13.00 -20.66 7.79
C PHE A 27 -14.04 -19.72 8.40
N VAL A 28 -15.31 -20.10 8.24
CA VAL A 28 -16.41 -19.42 8.90
C VAL A 28 -16.48 -19.88 10.35
N THR A 29 -16.92 -18.99 11.23
CA THR A 29 -17.01 -19.32 12.65
C THR A 29 -18.02 -18.41 13.32
N LYS A 30 -18.56 -18.89 14.43
CA LYS A 30 -19.48 -18.13 15.27
C LYS A 30 -18.85 -17.90 16.63
N ALA A 31 -19.03 -16.69 17.17
CA ALA A 31 -18.42 -16.29 18.43
C ALA A 31 -19.47 -16.23 19.53
N TYR A 32 -19.12 -16.74 20.70
CA TYR A 32 -19.99 -16.77 21.86
C TYR A 32 -19.30 -16.12 23.05
N PRO A 33 -20.06 -15.46 23.93
CA PRO A 33 -19.43 -14.73 25.04
C PRO A 33 -18.84 -15.67 26.08
N VAL A 34 -17.71 -15.25 26.64
CA VAL A 34 -17.04 -16.00 27.70
C VAL A 34 -16.88 -15.10 28.92
N SER A 35 -16.25 -13.95 28.73
CA SER A 35 -16.01 -13.01 29.81
C SER A 35 -16.08 -11.59 29.26
N GLY A 36 -16.46 -10.66 30.12
CA GLY A 36 -16.50 -9.26 29.75
C GLY A 36 -17.77 -8.89 28.99
N SER A 37 -17.84 -7.62 28.63
CA SER A 37 -19.01 -7.10 27.93
C SER A 37 -18.89 -7.38 26.43
N PRO A 38 -19.81 -8.16 25.85
CA PRO A 38 -19.81 -8.37 24.39
C PRO A 38 -20.60 -7.34 23.61
N GLU A 39 -21.00 -6.24 24.24
CA GLU A 39 -21.84 -5.26 23.58
C GLU A 39 -21.10 -4.57 22.45
N TYR A 40 -21.83 -4.32 21.36
CA TYR A 40 -21.39 -3.63 20.15
C TYR A 40 -20.43 -4.45 19.30
N LEU A 41 -20.08 -5.68 19.71
CA LEU A 41 -19.17 -6.49 18.91
C LEU A 41 -19.83 -6.93 17.59
N THR A 42 -21.15 -7.10 17.59
CA THR A 42 -21.84 -7.55 16.39
C THR A 42 -21.65 -6.55 15.24
N GLU A 43 -21.75 -5.26 15.54
CA GLU A 43 -21.67 -4.24 14.49
C GLU A 43 -20.23 -3.88 14.15
N ASP A 44 -19.31 -3.96 15.12
CA ASP A 44 -17.95 -3.48 14.92
C ASP A 44 -17.10 -4.48 14.14
N LEU A 45 -17.28 -5.77 14.39
CA LEU A 45 -16.41 -6.76 13.78
C LEU A 45 -16.70 -6.86 12.28
N PRO A 46 -15.66 -7.00 11.46
CA PRO A 46 -15.87 -7.12 10.01
C PRO A 46 -16.28 -8.55 9.64
N ASP A 47 -16.60 -8.72 8.35
CA ASP A 47 -16.98 -10.03 7.84
C ASP A 47 -15.80 -11.01 7.81
N SER A 48 -14.57 -10.51 7.93
CA SER A 48 -13.40 -11.38 7.89
C SER A 48 -12.31 -10.78 8.77
N ILE A 49 -11.71 -11.62 9.61
CA ILE A 49 -10.65 -11.21 10.52
C ILE A 49 -9.34 -11.76 9.97
N GLN A 50 -8.46 -10.86 9.54
CA GLN A 50 -7.14 -11.26 9.06
C GLN A 50 -6.19 -11.41 10.24
N VAL A 51 -5.67 -12.62 10.43
CA VAL A 51 -4.68 -12.90 11.46
C VAL A 51 -3.31 -12.85 10.79
N GLY A 52 -2.50 -11.87 11.15
CA GLY A 52 -1.28 -11.62 10.41
C GLY A 52 0.03 -11.74 11.16
N GLY A 53 0.15 -12.73 12.04
CA GLY A 53 1.42 -13.00 12.69
C GLY A 53 1.23 -13.66 14.03
N ARG A 54 2.35 -14.10 14.60
CA ARG A 54 2.40 -14.73 15.90
C ARG A 54 2.91 -13.74 16.95
N ILE A 55 2.80 -14.14 18.21
CA ILE A 55 3.25 -13.30 19.32
C ILE A 55 3.48 -14.21 20.52
N SER A 56 4.45 -13.84 21.36
CA SER A 56 4.72 -14.63 22.55
C SER A 56 3.59 -14.45 23.56
N PRO A 57 3.13 -15.55 24.18
CA PRO A 57 2.00 -15.41 25.13
C PRO A 57 2.30 -14.51 26.31
N GLN A 58 3.53 -14.52 26.82
CA GLN A 58 3.85 -13.68 27.97
C GLN A 58 3.91 -12.20 27.59
N THR A 59 4.21 -11.89 26.33
CA THR A 59 4.06 -10.52 25.85
C THR A 59 2.61 -10.08 25.90
N VAL A 60 1.68 -11.02 25.70
CA VAL A 60 0.26 -10.70 25.76
C VAL A 60 -0.22 -10.58 27.20
N TRP A 61 0.19 -11.51 28.07
CA TRP A 61 -0.32 -11.51 29.43
C TRP A 61 0.22 -10.36 30.25
N ASP A 62 1.42 -9.86 29.91
CA ASP A 62 1.92 -8.65 30.55
C ASP A 62 1.11 -7.43 30.11
N TYR A 63 0.77 -7.36 28.83
CA TYR A 63 -0.09 -6.28 28.34
C TYR A 63 -1.46 -6.33 28.98
N VAL A 64 -1.98 -7.54 29.21
CA VAL A 64 -3.28 -7.68 29.86
C VAL A 64 -3.19 -7.27 31.33
N GLU A 65 -2.06 -7.52 31.98
CA GLU A 65 -1.91 -7.16 33.38
C GLU A 65 -1.93 -5.63 33.56
N LYS A 66 -1.17 -4.92 32.73
CA LYS A 66 -1.15 -3.46 32.81
C LYS A 66 -2.45 -2.84 32.32
N ILE A 67 -3.24 -3.58 31.53
CA ILE A 67 -4.53 -3.07 31.07
C ILE A 67 -5.61 -3.24 32.12
N LYS A 68 -5.40 -4.11 33.10
CA LYS A 68 -6.34 -4.24 34.21
C LYS A 68 -6.07 -3.23 35.32
N ALA A 69 -4.83 -2.76 35.43
CA ALA A 69 -4.53 -1.71 36.41
C ALA A 69 -5.08 -0.36 35.94
N SER A 70 -4.87 -0.03 34.67
CA SER A 70 -5.45 1.18 34.09
C SER A 70 -6.89 0.90 33.70
N GLY A 71 -7.83 1.61 34.32
CA GLY A 71 -9.23 1.45 34.00
C GLY A 71 -9.61 2.09 32.67
N THR A 72 -8.71 1.98 31.69
CA THR A 72 -8.83 2.66 30.41
C THR A 72 -9.40 1.77 29.31
N LYS A 73 -9.17 0.46 29.37
CA LYS A 73 -9.69 -0.45 28.37
C LYS A 73 -10.31 -1.67 29.05
N GLU A 74 -11.30 -2.26 28.40
CA GLU A 74 -11.99 -3.43 28.90
C GLU A 74 -11.58 -4.67 28.11
N ILE A 75 -11.39 -5.77 28.82
CA ILE A 75 -11.09 -7.07 28.21
C ILE A 75 -12.42 -7.75 27.88
N CYS A 76 -12.48 -8.40 26.72
CA CYS A 76 -13.64 -9.19 26.34
C CYS A 76 -13.16 -10.48 25.68
N VAL A 77 -13.46 -11.61 26.31
CA VAL A 77 -13.06 -12.92 25.81
C VAL A 77 -14.28 -13.60 25.18
N VAL A 78 -14.11 -14.12 23.97
CA VAL A 78 -15.16 -14.83 23.25
C VAL A 78 -14.64 -16.20 22.86
N ARG A 79 -15.57 -17.08 22.45
CA ARG A 79 -15.27 -18.45 22.09
C ARG A 79 -15.74 -18.71 20.66
N PHE A 80 -14.83 -19.22 19.82
CA PHE A 80 -15.13 -19.47 18.41
C PHE A 80 -15.46 -20.94 18.19
N THR A 81 -16.49 -21.19 17.38
CA THR A 81 -16.90 -22.53 17.00
C THR A 81 -17.13 -22.58 15.49
N PRO A 82 -16.71 -23.64 14.82
CA PRO A 82 -16.95 -23.75 13.39
C PRO A 82 -18.42 -24.08 13.10
N VAL A 83 -18.89 -23.60 11.96
CA VAL A 83 -20.29 -23.77 11.59
C VAL A 83 -20.52 -25.04 10.78
N THR A 84 -19.58 -25.39 9.91
CA THR A 84 -19.65 -26.61 9.12
C THR A 84 -18.47 -27.51 9.46
N GLU A 85 -18.56 -28.76 9.04
CA GLU A 85 -17.47 -29.70 9.29
C GLU A 85 -16.28 -29.48 8.37
N GLU A 86 -16.49 -28.81 7.22
CA GLU A 86 -15.35 -28.39 6.41
C GLU A 86 -14.65 -27.19 7.04
N ASP A 87 -15.40 -26.34 7.74
CA ASP A 87 -14.78 -25.29 8.53
C ASP A 87 -14.04 -25.86 9.73
N GLN A 88 -14.53 -26.99 10.27
CA GLN A 88 -13.85 -27.63 11.38
C GLN A 88 -12.48 -28.17 10.97
N ILE A 89 -12.33 -28.58 9.71
CA ILE A 89 -11.04 -29.06 9.24
C ILE A 89 -10.00 -27.94 9.28
N SER A 90 -10.40 -26.73 8.89
CA SER A 90 -9.49 -25.59 8.94
C SER A 90 -9.38 -25.01 10.35
N TYR A 91 -10.47 -25.06 11.12
CA TYR A 91 -10.42 -24.66 12.51
C TYR A 91 -9.36 -25.46 13.27
N THR A 92 -9.33 -26.77 13.06
CA THR A 92 -8.34 -27.62 13.69
C THR A 92 -6.93 -27.29 13.19
N LEU A 93 -6.80 -26.92 11.91
CA LEU A 93 -5.48 -26.57 11.37
C LEU A 93 -4.92 -25.33 12.07
N LEU A 94 -5.74 -24.28 12.18
CA LEU A 94 -5.28 -23.06 12.83
C LEU A 94 -4.98 -23.28 14.31
N PHE A 95 -5.75 -24.14 14.98
CA PHE A 95 -5.44 -24.49 16.35
C PHE A 95 -4.10 -25.21 16.45
N ALA A 96 -3.82 -26.12 15.49
CA ALA A 96 -2.57 -26.85 15.52
C ALA A 96 -1.37 -25.95 15.25
N TYR A 97 -1.56 -24.91 14.43
CA TYR A 97 -0.46 -24.00 14.10
C TYR A 97 0.04 -23.28 15.34
N PHE A 98 -0.88 -22.73 16.13
CA PHE A 98 -0.50 -21.92 17.28
C PHE A 98 -0.20 -22.76 18.51
N SER A 99 -0.83 -23.93 18.64
CA SER A 99 -0.60 -24.76 19.82
C SER A 99 0.77 -25.42 19.77
N SER A 100 1.20 -25.87 18.58
CA SER A 100 2.50 -26.51 18.45
C SER A 100 3.63 -25.50 18.65
N ARG A 101 3.52 -24.34 18.02
CA ARG A 101 4.54 -23.30 18.16
C ARG A 101 4.47 -22.56 19.49
N LYS A 102 3.46 -22.84 20.31
CA LYS A 102 3.27 -22.19 21.60
C LYS A 102 3.23 -20.67 21.44
N ARG A 103 2.27 -20.23 20.63
CA ARG A 103 2.11 -18.81 20.31
C ARG A 103 0.63 -18.46 20.27
N TYR A 104 0.35 -17.16 20.23
CA TYR A 104 -0.98 -16.63 19.99
C TYR A 104 -1.02 -15.96 18.63
N GLY A 105 -2.23 -15.68 18.16
CA GLY A 105 -2.44 -14.95 16.93
C GLY A 105 -2.82 -13.50 17.22
N VAL A 106 -2.53 -12.63 16.27
CA VAL A 106 -2.84 -11.20 16.39
C VAL A 106 -3.67 -10.79 15.18
N ALA A 107 -4.74 -10.06 15.42
CA ALA A 107 -5.59 -9.56 14.35
C ALA A 107 -4.92 -8.38 13.66
N ALA A 108 -5.22 -8.21 12.38
CA ALA A 108 -4.59 -7.20 11.54
C ALA A 108 -5.49 -6.03 11.17
N ASN A 109 -6.80 -6.24 11.14
CA ASN A 109 -7.71 -5.21 10.65
C ASN A 109 -7.66 -3.97 11.52
N ASN A 110 -7.90 -2.82 10.89
CA ASN A 110 -8.12 -1.55 11.61
C ASN A 110 -9.60 -1.50 11.93
N LYS A 112 -13.27 -0.92 14.42
CA LYS A 112 -14.02 0.21 14.97
C LYS A 112 -13.46 0.67 16.30
N GLN A 113 -13.43 -0.22 17.29
CA GLN A 113 -12.96 0.15 18.61
C GLN A 113 -11.91 -0.80 19.16
N VAL A 114 -11.52 -1.83 18.43
CA VAL A 114 -10.60 -2.80 19.02
C VAL A 114 -9.21 -2.16 18.98
N LYS A 115 -8.64 -1.94 20.16
CA LYS A 115 -7.25 -1.49 20.23
C LYS A 115 -6.32 -2.61 19.77
N ASP A 116 -6.60 -3.82 20.24
CA ASP A 116 -5.87 -5.00 19.82
C ASP A 116 -6.77 -6.22 20.00
N TYR A 118 -6.39 -10.65 20.04
CA TYR A 118 -5.48 -11.80 20.06
C TYR A 118 -6.28 -13.09 20.01
N LEU A 119 -5.88 -14.00 19.13
CA LEU A 119 -6.45 -15.33 19.03
C LEU A 119 -5.57 -16.30 19.82
N ILE A 120 -6.19 -17.07 20.70
CA ILE A 120 -5.48 -17.89 21.68
C ILE A 120 -5.95 -19.33 21.54
N PRO A 121 -5.05 -20.29 21.38
CA PRO A 121 -5.45 -21.70 21.41
C PRO A 121 -5.55 -22.20 22.85
N LEU A 122 -6.65 -22.87 23.17
CA LEU A 122 -6.88 -23.43 24.50
C LEU A 122 -7.22 -24.91 24.33
N GLY A 123 -6.29 -25.77 24.74
CA GLY A 123 -6.54 -27.20 24.64
C GLY A 123 -7.68 -27.66 25.52
N ALA A 124 -8.14 -28.88 25.24
CA ALA A 124 -9.28 -29.42 25.97
C ALA A 124 -8.98 -29.61 27.45
N THR A 125 -7.73 -29.91 27.79
CA THR A 125 -7.35 -30.20 29.17
C THR A 125 -6.37 -29.20 29.77
N ASP A 126 -6.02 -28.14 29.04
CA ASP A 126 -5.12 -27.14 29.57
C ASP A 126 -5.80 -26.29 30.63
N LYS A 127 -5.03 -25.83 31.60
CA LYS A 127 -5.55 -24.90 32.59
C LYS A 127 -5.76 -23.53 31.96
N ILE A 128 -6.88 -22.90 32.31
CA ILE A 128 -7.13 -21.54 31.82
C ILE A 128 -6.01 -20.62 32.29
N PRO A 129 -5.40 -19.83 31.42
CA PRO A 129 -4.28 -18.97 31.85
C PRO A 129 -4.67 -18.08 33.01
N HIS A 130 -3.69 -17.80 33.86
CA HIS A 130 -3.97 -17.06 35.09
C HIS A 130 -4.52 -15.64 34.89
N PRO A 131 -4.21 -14.88 33.83
CA PRO A 131 -4.72 -13.50 33.77
C PRO A 131 -6.20 -13.38 33.42
N LEU A 132 -6.82 -14.40 32.82
CA LEU A 132 -8.26 -14.34 32.58
C LEU A 132 -9.07 -14.88 33.74
N VAL A 133 -8.46 -14.93 34.93
CA VAL A 133 -8.85 -15.78 36.05
C VAL A 133 -10.37 -15.86 36.28
N PRO A 134 -11.10 -14.97 37.03
CA PRO A 134 -12.55 -15.24 37.13
C PRO A 134 -13.32 -14.60 35.99
N PHE A 135 -14.17 -15.37 35.34
CA PHE A 135 -14.87 -14.92 34.16
C PHE A 135 -16.07 -14.07 34.55
N ASP A 136 -16.13 -12.84 34.03
CA ASP A 136 -17.30 -11.98 34.19
C ASP A 136 -18.25 -12.26 33.03
N GLY A 137 -18.77 -13.48 33.00
CA GLY A 137 -19.65 -13.91 31.95
C GLY A 137 -19.95 -15.40 32.02
N PRO A 138 -20.44 -15.96 30.91
CA PRO A 138 -20.81 -17.39 30.91
C PRO A 138 -19.66 -18.33 31.22
N GLY A 139 -18.43 -17.96 30.87
CA GLY A 139 -17.29 -18.80 31.17
C GLY A 139 -17.18 -19.99 30.23
N LEU A 140 -16.39 -20.97 30.65
CA LEU A 140 -16.14 -22.17 29.87
C LEU A 140 -16.45 -23.40 30.69
N GLU A 141 -17.07 -24.39 30.05
CA GLU A 141 -17.40 -25.64 30.72
C GLU A 141 -16.13 -26.46 30.95
N LEU A 142 -16.22 -27.37 31.93
CA LEU A 142 -15.07 -28.21 32.26
C LEU A 142 -14.74 -29.18 31.13
N HIS A 143 -15.76 -29.80 30.54
CA HIS A 143 -15.59 -30.74 29.44
C HIS A 143 -15.82 -30.01 28.14
N ARG A 144 -14.73 -29.74 27.40
CA ARG A 144 -14.76 -28.97 26.18
C ARG A 144 -13.73 -29.55 25.21
N PRO A 145 -13.88 -29.27 23.91
CA PRO A 145 -12.83 -29.67 22.97
C PRO A 145 -11.75 -28.63 22.85
N ASN A 146 -10.82 -28.83 21.92
CA ASN A 146 -9.82 -27.80 21.63
C ASN A 146 -10.53 -26.55 21.11
N LEU A 147 -10.20 -25.40 21.68
CA LEU A 147 -10.91 -24.17 21.41
C LEU A 147 -9.95 -23.08 20.92
N LEU A 148 -10.46 -22.24 20.02
CA LEU A 148 -9.80 -21.00 19.63
C LEU A 148 -10.51 -19.86 20.33
N LEU A 149 -9.80 -19.18 21.23
CA LEU A 149 -10.37 -18.13 22.05
C LEU A 149 -10.01 -16.76 21.49
N GLY A 150 -10.97 -15.83 21.58
CA GLY A 150 -10.74 -14.48 21.11
C GLY A 150 -10.60 -13.48 22.23
N LEU A 151 -9.40 -12.93 22.41
CA LEU A 151 -9.12 -11.92 23.42
C LEU A 151 -9.24 -10.55 22.77
N ILE A 152 -10.34 -9.85 23.05
CA ILE A 152 -10.63 -8.56 22.45
C ILE A 152 -10.32 -7.46 23.45
N ILE A 153 -9.63 -6.41 23.01
CA ILE A 153 -9.24 -5.29 23.84
C ILE A 153 -9.86 -4.03 23.24
N ARG A 154 -10.71 -3.36 24.03
CA ARG A 154 -11.48 -2.23 23.53
C ARG A 154 -11.38 -1.06 24.49
N GLN A 155 -11.42 0.15 23.93
CA GLN A 155 -11.34 1.36 24.73
C GLN A 155 -12.60 1.55 25.56
N LYS A 156 -12.43 2.01 26.80
CA LYS A 156 -13.51 2.10 27.76
C LYS A 156 -14.33 3.37 27.53
N LEU A 157 -15.62 3.21 27.22
CA LEU A 157 -16.50 4.36 27.03
C LEU A 157 -17.95 3.89 26.97
N LYS A 158 -18.86 4.87 26.92
CA LYS A 158 -20.30 4.66 26.77
C LYS A 158 -20.78 5.48 25.59
N ARG A 159 -21.54 4.85 24.69
CA ARG A 159 -21.79 5.44 23.37
C ARG A 159 -23.18 6.06 23.25
N GLN A 160 -23.37 6.72 22.11
CA GLN A 160 -24.66 7.11 21.55
C GLN A 160 -25.74 6.07 21.76
N ASN B 12 30.64 28.76 2.56
CA ASN B 12 30.90 29.64 3.70
C ASN B 12 29.90 30.78 3.76
N PHE B 13 29.46 31.12 4.97
CA PHE B 13 28.49 32.17 5.17
C PHE B 13 29.16 33.54 5.15
N ILE B 14 28.34 34.59 5.08
CA ILE B 14 28.82 35.95 5.00
C ILE B 14 28.42 36.81 6.18
N TRP B 15 27.56 36.31 7.07
CA TRP B 15 27.10 37.09 8.21
C TRP B 15 26.42 36.15 9.20
N LYS B 16 26.73 36.34 10.48
CA LYS B 16 26.12 35.55 11.56
C LYS B 16 25.70 36.52 12.66
N GLY B 17 24.39 36.67 12.84
CA GLY B 17 23.88 37.57 13.84
C GLY B 17 22.42 37.31 14.15
N PHE B 18 21.79 38.30 14.77
CA PHE B 18 20.44 38.19 15.28
C PHE B 18 19.42 38.75 14.31
N ILE B 19 18.22 38.19 14.34
CA ILE B 19 17.03 38.77 13.73
C ILE B 19 16.04 38.99 14.87
N ASN B 20 15.73 40.24 15.17
CA ASN B 20 14.90 40.59 16.32
C ASN B 20 13.66 41.32 15.82
N PRO B 22 10.32 42.64 17.89
CA PRO B 22 9.81 42.69 19.27
C PRO B 22 8.47 42.01 19.42
N SER B 23 8.31 41.31 20.55
CA SER B 23 7.05 40.71 20.97
C SER B 23 6.60 39.55 20.09
N VAL B 24 7.50 38.96 19.29
CA VAL B 24 7.08 37.84 18.47
C VAL B 24 8.20 36.80 18.31
N ALA B 25 9.43 37.23 18.09
CA ALA B 25 10.50 36.27 17.85
C ALA B 25 11.86 36.97 17.91
N LYS B 26 12.89 36.18 18.25
CA LYS B 26 14.27 36.62 18.21
C LYS B 26 15.15 35.38 18.15
N PHE B 27 16.15 35.38 17.26
CA PHE B 27 16.97 34.19 17.06
C PHE B 27 18.27 34.58 16.37
N VAL B 28 19.25 33.67 16.46
CA VAL B 28 20.54 33.82 15.80
C VAL B 28 20.48 33.16 14.44
N THR B 29 21.17 33.75 13.45
CA THR B 29 21.06 33.28 12.08
C THR B 29 22.38 33.49 11.35
N LYS B 30 22.70 32.53 10.47
CA LYS B 30 23.75 32.68 9.48
C LYS B 30 23.13 33.10 8.15
N ALA B 31 23.90 33.83 7.34
CA ALA B 31 23.44 34.32 6.06
C ALA B 31 24.37 33.81 4.95
N TYR B 32 23.78 33.23 3.91
CA TYR B 32 24.52 32.69 2.78
C TYR B 32 24.13 33.42 1.50
N PRO B 33 25.07 33.61 0.57
CA PRO B 33 24.74 34.33 -0.67
C PRO B 33 23.82 33.51 -1.56
N VAL B 34 22.90 34.22 -2.22
CA VAL B 34 21.95 33.59 -3.14
C VAL B 34 22.08 34.24 -4.52
N SER B 35 21.77 35.53 -4.59
CA SER B 35 21.88 36.28 -5.84
C SER B 35 22.47 37.66 -5.54
N GLY B 36 23.19 38.20 -6.50
CA GLY B 36 23.80 39.50 -6.35
C GLY B 36 25.17 39.42 -5.70
N SER B 37 25.77 40.60 -5.55
CA SER B 37 27.11 40.70 -4.99
C SER B 37 27.02 40.77 -3.47
N PRO B 38 27.58 39.80 -2.75
CA PRO B 38 27.59 39.86 -1.28
C PRO B 38 28.75 40.63 -0.67
N GLU B 39 29.51 41.38 -1.48
CA GLU B 39 30.69 42.07 -0.99
C GLU B 39 30.32 43.14 0.03
N TYR B 40 31.13 43.23 1.08
CA TYR B 40 31.02 44.20 2.17
C TYR B 40 29.80 43.98 3.05
N LEU B 41 28.98 42.96 2.80
CA LEU B 41 27.83 42.71 3.64
C LEU B 41 28.23 42.29 5.05
N THR B 42 29.41 41.66 5.19
CA THR B 42 29.84 41.20 6.50
C THR B 42 30.03 42.36 7.48
N GLU B 43 30.36 43.55 6.97
CA GLU B 43 30.51 44.74 7.80
C GLU B 43 29.38 45.74 7.64
N ASP B 44 28.73 45.78 6.47
CA ASP B 44 27.59 46.66 6.28
C ASP B 44 26.41 46.26 7.15
N LEU B 45 26.32 44.99 7.54
CA LEU B 45 25.21 44.45 8.32
C LEU B 45 25.46 44.64 9.82
N PRO B 46 24.44 45.01 10.57
CA PRO B 46 24.59 45.19 12.01
C PRO B 46 24.65 43.84 12.72
N ASP B 47 24.89 43.91 14.04
CA ASP B 47 24.90 42.70 14.85
C ASP B 47 23.51 42.13 15.05
N SER B 48 22.47 42.96 14.96
CA SER B 48 21.10 42.52 15.19
C SER B 48 20.18 43.26 14.23
N ILE B 49 19.51 42.51 13.36
CA ILE B 49 18.58 43.09 12.39
C ILE B 49 17.23 43.29 13.08
N GLN B 50 16.85 44.54 13.27
CA GLN B 50 15.59 44.87 13.95
C GLN B 50 14.48 44.97 12.91
N VAL B 51 13.48 44.10 13.03
CA VAL B 51 12.32 44.08 12.14
C VAL B 51 11.22 44.88 12.82
N GLY B 52 10.84 46.02 12.22
CA GLY B 52 9.87 46.89 12.85
C GLY B 52 8.72 47.30 11.97
N GLY B 53 8.42 46.54 10.93
CA GLY B 53 7.33 46.90 10.04
C GLY B 53 6.96 45.77 9.11
N ARG B 54 5.72 45.85 8.61
CA ARG B 54 5.21 44.95 7.59
C ARG B 54 5.06 45.71 6.28
N ILE B 55 5.12 44.99 5.16
CA ILE B 55 5.02 45.61 3.84
C ILE B 55 4.37 44.61 2.89
N SER B 56 3.62 45.14 1.92
CA SER B 56 2.98 44.29 0.94
C SER B 56 4.02 43.75 -0.04
N PRO B 57 3.84 42.51 -0.52
CA PRO B 57 4.79 41.98 -1.51
C PRO B 57 4.80 42.78 -2.81
N GLN B 58 3.63 43.20 -3.30
CA GLN B 58 3.57 43.91 -4.57
C GLN B 58 4.34 45.23 -4.50
N THR B 59 4.28 45.92 -3.36
CA THR B 59 5.03 47.16 -3.22
C THR B 59 6.53 46.91 -3.29
N VAL B 60 7.00 45.75 -2.82
CA VAL B 60 8.41 45.44 -2.87
C VAL B 60 8.85 45.14 -4.30
N TRP B 61 8.03 44.39 -5.04
CA TRP B 61 8.44 43.95 -6.38
C TRP B 61 8.41 45.09 -7.38
N ASP B 62 7.45 46.00 -7.24
CA ASP B 62 7.49 47.22 -8.05
C ASP B 62 8.73 48.02 -7.74
N TYR B 63 9.12 48.07 -6.47
CA TYR B 63 10.36 48.75 -6.09
C TYR B 63 11.58 48.07 -6.70
N VAL B 64 11.60 46.73 -6.68
CA VAL B 64 12.75 46.00 -7.17
C VAL B 64 12.92 46.20 -8.68
N GLU B 65 11.82 46.30 -9.41
CA GLU B 65 11.89 46.42 -10.86
C GLU B 65 12.27 47.82 -11.32
N LYS B 66 11.83 48.87 -10.61
CA LYS B 66 12.33 50.20 -10.92
C LYS B 66 13.82 50.32 -10.59
N ILE B 67 14.29 49.53 -9.63
CA ILE B 67 15.72 49.51 -9.32
C ILE B 67 16.50 48.86 -10.46
N LYS B 68 15.98 47.76 -11.00
CA LYS B 68 16.67 47.08 -12.10
C LYS B 68 16.75 47.94 -13.35
N ALA B 69 15.85 48.92 -13.51
CA ALA B 69 15.93 49.83 -14.64
C ALA B 69 16.94 50.95 -14.39
N SER B 70 16.93 51.52 -13.18
CA SER B 70 17.83 52.61 -12.83
C SER B 70 19.10 52.03 -12.22
N GLY B 71 20.20 52.09 -12.96
CA GLY B 71 21.44 51.49 -12.52
C GLY B 71 22.13 52.18 -11.37
N THR B 72 21.35 52.76 -10.45
CA THR B 72 21.90 53.45 -9.29
C THR B 72 21.98 52.57 -8.06
N LYS B 73 21.11 51.56 -7.95
CA LYS B 73 21.07 50.69 -6.79
C LYS B 73 21.45 49.27 -7.19
N GLU B 74 21.85 48.49 -6.19
CA GLU B 74 22.21 47.09 -6.37
C GLU B 74 21.34 46.21 -5.48
N ILE B 75 20.91 45.08 -6.03
CA ILE B 75 20.05 44.14 -5.32
C ILE B 75 20.90 42.93 -4.95
N CYS B 76 20.78 42.49 -3.69
CA CYS B 76 21.47 41.32 -3.20
C CYS B 76 20.52 40.48 -2.38
N VAL B 77 20.46 39.18 -2.66
CA VAL B 77 19.57 38.25 -1.97
C VAL B 77 20.42 37.28 -1.17
N VAL B 78 20.10 37.12 0.12
CA VAL B 78 20.79 36.20 1.00
C VAL B 78 19.78 35.21 1.57
N ARG B 79 20.30 34.09 2.06
CA ARG B 79 19.50 33.03 2.64
C ARG B 79 19.77 32.93 4.14
N PHE B 80 18.71 32.97 4.94
CA PHE B 80 18.81 32.87 6.38
C PHE B 80 18.54 31.43 6.84
N THR B 81 19.33 30.97 7.82
CA THR B 81 19.11 29.66 8.40
C THR B 81 19.53 29.70 9.87
N PRO B 82 18.76 29.12 10.77
CA PRO B 82 19.10 29.17 12.20
C PRO B 82 20.30 28.30 12.51
N VAL B 83 21.06 28.71 13.52
CA VAL B 83 22.28 28.01 13.89
C VAL B 83 22.01 26.85 14.85
N THR B 84 21.05 27.01 15.76
CA THR B 84 20.73 25.98 16.73
C THR B 84 19.28 25.54 16.58
N GLU B 85 18.97 24.39 17.19
CA GLU B 85 17.59 23.96 17.32
C GLU B 85 16.75 25.05 17.98
N GLU B 86 17.29 25.64 19.06
CA GLU B 86 16.57 26.68 19.79
C GLU B 86 16.20 27.84 18.88
N ASP B 87 17.10 28.25 17.98
CA ASP B 87 16.79 29.31 17.04
C ASP B 87 15.79 28.88 15.99
N GLN B 88 15.65 27.57 15.76
CA GLN B 88 14.74 27.09 14.72
C GLN B 88 13.29 27.31 15.07
N ILE B 89 12.95 27.26 16.37
CA ILE B 89 11.56 27.47 16.77
C ILE B 89 11.14 28.90 16.49
N SER B 90 12.00 29.88 16.80
CA SER B 90 11.68 31.26 16.49
C SER B 90 11.76 31.52 14.99
N TYR B 91 12.74 30.93 14.31
CA TYR B 91 12.86 31.06 12.86
C TYR B 91 11.57 30.62 12.17
N THR B 92 11.03 29.46 12.57
CA THR B 92 9.77 29.00 12.01
C THR B 92 8.62 29.91 12.41
N LEU B 93 8.67 30.50 13.61
CA LEU B 93 7.60 31.38 14.05
C LEU B 93 7.52 32.64 13.21
N LEU B 94 8.68 33.27 12.93
CA LEU B 94 8.68 34.48 12.11
C LEU B 94 8.28 34.17 10.67
N PHE B 95 8.54 32.95 10.20
CA PHE B 95 8.06 32.56 8.88
C PHE B 95 6.54 32.51 8.86
N ALA B 96 5.93 31.90 9.87
CA ALA B 96 4.47 31.80 9.93
C ALA B 96 3.83 33.17 10.11
N TYR B 97 4.51 34.09 10.81
CA TYR B 97 3.95 35.42 11.01
C TYR B 97 3.80 36.16 9.68
N PHE B 98 4.84 36.15 8.86
CA PHE B 98 4.79 36.87 7.59
C PHE B 98 4.04 36.10 6.51
N SER B 99 4.08 34.76 6.55
CA SER B 99 3.38 33.97 5.54
C SER B 99 1.87 34.03 5.73
N SER B 100 1.40 33.97 6.97
CA SER B 100 -0.04 33.99 7.22
C SER B 100 -0.66 35.34 6.90
N ARG B 101 0.08 36.42 7.13
CA ARG B 101 -0.42 37.77 6.85
C ARG B 101 -0.13 38.22 5.42
N LYS B 102 0.52 37.37 4.61
CA LYS B 102 0.85 37.70 3.22
C LYS B 102 1.65 39.00 3.13
N ARG B 103 2.65 39.13 4.00
CA ARG B 103 3.46 40.33 4.06
C ARG B 103 4.93 39.95 4.14
N TYR B 104 5.78 40.91 3.78
CA TYR B 104 7.21 40.82 3.99
C TYR B 104 7.61 41.71 5.17
N GLY B 105 8.80 41.43 5.72
CA GLY B 105 9.31 42.23 6.80
C GLY B 105 10.12 43.41 6.32
N VAL B 106 10.28 44.40 7.18
CA VAL B 106 11.08 45.59 6.90
C VAL B 106 12.03 45.82 8.07
N ALA B 107 13.32 45.85 7.77
CA ALA B 107 14.32 46.11 8.81
C ALA B 107 14.25 47.57 9.26
N ALA B 108 14.30 47.77 10.57
CA ALA B 108 14.13 49.10 11.14
C ALA B 108 15.44 49.83 11.41
N ASN B 109 16.56 49.11 11.46
CA ASN B 109 17.84 49.75 11.72
C ASN B 109 18.19 50.73 10.60
N ASN B 110 18.78 51.86 10.99
CA ASN B 110 19.29 52.83 10.01
C ASN B 110 20.75 52.47 9.72
N LYS B 112 23.92 52.48 7.48
CA LYS B 112 24.34 53.62 6.66
C LYS B 112 24.60 53.23 5.21
N GLN B 113 25.05 52.00 4.97
CA GLN B 113 25.37 51.59 3.62
C GLN B 113 24.27 50.76 2.94
N VAL B 114 23.24 50.34 3.66
CA VAL B 114 22.09 49.69 3.03
C VAL B 114 20.87 50.59 3.23
N LYS B 115 20.10 50.77 2.15
CA LYS B 115 18.97 51.69 2.18
C LYS B 115 17.67 51.01 2.54
N ASP B 116 17.44 49.79 2.06
CA ASP B 116 16.24 49.03 2.38
C ASP B 116 16.59 47.55 2.50
N TYR B 118 14.40 43.71 3.26
CA TYR B 118 13.12 43.05 3.42
C TYR B 118 13.31 41.58 3.75
N LEU B 119 12.59 41.09 4.75
CA LEU B 119 12.58 39.68 5.09
C LEU B 119 11.42 39.01 4.35
N ILE B 120 11.74 38.01 3.54
CA ILE B 120 10.78 37.37 2.65
C ILE B 120 10.61 35.92 3.08
N PRO B 121 9.39 35.47 3.39
CA PRO B 121 9.16 34.04 3.63
C PRO B 121 8.93 33.31 2.32
N LEU B 122 9.88 32.47 1.94
CA LEU B 122 9.83 31.72 0.68
C LEU B 122 9.43 30.28 1.01
N GLY B 123 8.25 29.87 0.53
CA GLY B 123 7.78 28.52 0.76
C GLY B 123 8.66 27.48 0.08
N ALA B 124 8.57 26.26 0.58
CA ALA B 124 9.38 25.17 0.05
C ALA B 124 8.99 24.81 -1.38
N THR B 125 7.73 25.06 -1.75
CA THR B 125 7.27 24.82 -3.11
C THR B 125 7.01 26.10 -3.88
N ASP B 126 7.17 27.26 -3.24
CA ASP B 126 6.93 28.53 -3.91
C ASP B 126 7.91 28.73 -5.04
N LYS B 127 7.39 29.09 -6.20
CA LYS B 127 8.25 29.51 -7.29
C LYS B 127 8.98 30.79 -6.91
N ILE B 128 10.18 30.95 -7.45
CA ILE B 128 10.96 32.15 -7.13
C ILE B 128 10.23 33.38 -7.65
N PRO B 129 10.10 34.44 -6.87
CA PRO B 129 9.41 35.65 -7.36
C PRO B 129 10.05 36.17 -8.64
N HIS B 130 9.19 36.54 -9.58
CA HIS B 130 9.61 37.00 -10.91
C HIS B 130 10.69 38.07 -10.92
N PRO B 131 10.58 39.16 -10.14
CA PRO B 131 11.51 40.28 -10.34
C PRO B 131 12.97 39.98 -10.05
N LEU B 132 13.29 38.75 -9.62
CA LEU B 132 14.68 38.41 -9.34
C LEU B 132 15.06 36.99 -9.75
N VAL B 133 14.30 36.37 -10.65
CA VAL B 133 14.39 34.93 -10.86
C VAL B 133 15.68 34.47 -11.55
N PRO B 134 16.32 35.25 -12.46
CA PRO B 134 17.61 34.78 -12.98
C PRO B 134 18.72 34.98 -11.96
N PHE B 135 18.92 33.97 -11.11
CA PHE B 135 19.81 34.10 -9.97
C PHE B 135 21.25 34.35 -10.42
N ASP B 136 21.84 35.44 -9.92
CA ASP B 136 23.24 35.76 -10.17
C ASP B 136 24.08 35.34 -8.97
N GLY B 137 24.20 34.02 -8.81
CA GLY B 137 24.93 33.46 -7.70
C GLY B 137 24.61 32.00 -7.49
N PRO B 138 24.88 31.49 -6.29
CA PRO B 138 24.61 30.06 -6.01
C PRO B 138 23.14 29.69 -6.11
N GLY B 139 22.23 30.65 -5.99
CA GLY B 139 20.82 30.34 -6.13
C GLY B 139 20.29 29.55 -4.93
N LEU B 140 19.32 28.69 -5.20
CA LEU B 140 18.68 27.89 -4.18
C LEU B 140 18.50 26.47 -4.67
N GLU B 141 18.60 25.52 -3.74
CA GLU B 141 18.34 24.13 -4.06
C GLU B 141 16.88 23.93 -4.41
N LEU B 142 16.61 22.88 -5.17
CA LEU B 142 15.23 22.54 -5.52
C LEU B 142 14.51 21.89 -4.34
N HIS B 143 15.15 20.92 -3.70
CA HIS B 143 14.61 20.26 -2.51
C HIS B 143 15.12 21.04 -1.30
N ARG B 144 14.25 21.84 -0.70
CA ARG B 144 14.65 22.80 0.32
C ARG B 144 13.51 22.95 1.32
N PRO B 145 13.80 23.51 2.51
CA PRO B 145 12.72 23.80 3.45
C PRO B 145 12.18 25.20 3.29
N ASN B 146 11.25 25.60 4.16
CA ASN B 146 10.78 26.98 4.19
C ASN B 146 11.94 27.88 4.62
N LEU B 147 12.19 28.93 3.85
CA LEU B 147 13.35 29.79 4.05
C LEU B 147 12.92 31.23 4.31
N LEU B 148 13.67 31.90 5.18
CA LEU B 148 13.63 33.35 5.27
C LEU B 148 14.72 33.92 4.39
N LEU B 149 14.34 34.82 3.49
CA LEU B 149 15.28 35.45 2.58
C LEU B 149 15.41 36.93 2.91
N GLY B 150 16.64 37.44 2.81
CA GLY B 150 16.91 38.84 3.00
C GLY B 150 17.14 39.52 1.66
N LEU B 151 16.29 40.50 1.36
CA LEU B 151 16.41 41.30 0.14
C LEU B 151 17.11 42.60 0.49
N ILE B 152 18.37 42.72 0.11
CA ILE B 152 19.24 43.81 0.55
C ILE B 152 19.41 44.80 -0.60
N ILE B 153 18.86 45.99 -0.44
CA ILE B 153 18.96 47.06 -1.43
C ILE B 153 20.07 47.99 -1.00
N ARG B 154 21.08 48.16 -1.86
CA ARG B 154 22.22 49.01 -1.58
C ARG B 154 22.53 49.88 -2.78
N GLN B 155 22.93 51.13 -2.52
CA GLN B 155 23.32 52.02 -3.60
C GLN B 155 24.54 51.48 -4.32
N LYS B 156 24.57 51.64 -5.64
CA LYS B 156 25.71 51.24 -6.45
C LYS B 156 26.75 52.35 -6.43
N LEU B 157 27.95 52.05 -5.95
CA LEU B 157 29.02 53.04 -5.88
C LEU B 157 30.34 52.34 -5.63
N LYS B 158 31.43 53.11 -5.75
CA LYS B 158 32.78 52.66 -5.47
C LYS B 158 33.25 53.32 -4.18
N ARG B 159 33.69 52.51 -3.22
CA ARG B 159 34.03 53.01 -1.89
C ARG B 159 35.54 53.04 -1.67
N ASN C 12 -25.09 27.30 0.00
CA ASN C 12 -25.54 25.92 0.17
C ASN C 12 -24.56 24.95 -0.50
N PHE C 13 -23.75 24.28 0.32
CA PHE C 13 -22.67 23.44 -0.16
C PHE C 13 -22.98 21.97 0.09
N ILE C 14 -22.19 21.11 -0.56
CA ILE C 14 -22.36 19.67 -0.42
C ILE C 14 -21.53 19.12 0.74
N TRP C 15 -20.30 19.62 0.90
CA TRP C 15 -19.34 18.97 1.79
C TRP C 15 -18.33 19.99 2.27
N LYS C 16 -18.04 19.97 3.58
CA LYS C 16 -17.01 20.80 4.17
C LYS C 16 -15.99 19.89 4.85
N GLY C 17 -14.74 19.98 4.43
CA GLY C 17 -13.72 19.13 4.99
C GLY C 17 -12.34 19.53 4.52
N PHE C 18 -11.40 18.60 4.70
CA PHE C 18 -9.99 18.84 4.43
C PHE C 18 -9.57 18.27 3.09
N ILE C 19 -8.64 18.97 2.44
CA ILE C 19 -7.87 18.44 1.32
C ILE C 19 -6.42 18.43 1.76
N ASN C 20 -5.80 17.25 1.78
CA ASN C 20 -4.49 17.07 2.36
C ASN C 20 -3.52 16.52 1.32
N PRO C 22 0.04 15.32 1.60
CA PRO C 22 0.86 14.99 2.78
C PRO C 22 2.18 15.73 2.85
N SER C 23 2.39 16.45 3.96
CA SER C 23 3.58 17.26 4.23
C SER C 23 3.74 18.44 3.28
N VAL C 24 2.75 18.69 2.42
CA VAL C 24 2.76 19.86 1.54
C VAL C 24 1.36 20.46 1.53
N ALA C 25 1.08 21.35 2.47
CA ALA C 25 -0.16 22.12 2.56
C ALA C 25 -1.39 21.24 2.88
N LYS C 26 -2.38 21.85 3.53
CA LYS C 26 -3.61 21.19 3.92
C LYS C 26 -4.60 22.24 4.41
N PHE C 27 -5.86 22.16 3.99
CA PHE C 27 -6.79 23.25 4.24
C PHE C 27 -8.22 22.73 4.30
N VAL C 28 -9.10 23.57 4.86
CA VAL C 28 -10.53 23.30 4.91
C VAL C 28 -11.19 23.93 3.69
N THR C 29 -12.12 23.20 3.08
CA THR C 29 -12.77 23.66 1.86
C THR C 29 -14.24 23.27 1.86
N LYS C 30 -15.02 24.03 1.10
CA LYS C 30 -16.44 23.74 0.88
C LYS C 30 -16.63 23.36 -0.58
N ALA C 31 -17.34 22.27 -0.83
CA ALA C 31 -17.55 21.75 -2.17
C ALA C 31 -18.92 22.18 -2.68
N TYR C 32 -18.94 22.82 -3.85
CA TYR C 32 -20.16 23.26 -4.49
C TYR C 32 -20.36 22.54 -5.81
N PRO C 33 -21.60 22.20 -6.18
CA PRO C 33 -21.82 21.37 -7.37
C PRO C 33 -21.58 22.16 -8.65
N VAL C 34 -20.95 21.50 -9.62
CA VAL C 34 -20.67 22.07 -10.93
C VAL C 34 -21.36 21.28 -12.04
N SER C 35 -21.26 19.96 -11.99
CA SER C 35 -21.85 19.12 -13.03
C SER C 35 -22.12 17.74 -12.44
N GLY C 36 -23.25 17.16 -12.82
CA GLY C 36 -23.62 15.83 -12.38
C GLY C 36 -24.37 15.85 -11.06
N SER C 37 -24.92 14.69 -10.73
CA SER C 37 -25.70 14.54 -9.50
C SER C 37 -24.78 14.49 -8.29
N PRO C 38 -24.91 15.41 -7.33
CA PRO C 38 -24.04 15.36 -6.15
C PRO C 38 -24.67 14.60 -4.99
N GLU C 39 -25.62 13.72 -5.30
CA GLU C 39 -26.33 13.00 -4.25
C GLU C 39 -25.40 12.04 -3.51
N TYR C 40 -25.62 11.92 -2.20
CA TYR C 40 -24.89 11.06 -1.28
C TYR C 40 -23.44 11.50 -1.07
N LEU C 41 -23.01 12.62 -1.66
CA LEU C 41 -21.63 13.06 -1.48
C LEU C 41 -21.39 13.58 -0.06
N THR C 42 -22.41 14.19 0.56
CA THR C 42 -22.26 14.69 1.91
C THR C 42 -21.93 13.56 2.89
N GLU C 43 -22.38 12.35 2.60
CA GLU C 43 -22.17 11.20 3.48
C GLU C 43 -21.01 10.31 3.03
N ASP C 44 -20.86 10.09 1.73
CA ASP C 44 -19.82 9.18 1.25
C ASP C 44 -18.43 9.78 1.37
N LEU C 45 -18.32 11.11 1.35
CA LEU C 45 -17.02 11.74 1.39
C LEU C 45 -16.44 11.70 2.81
N PRO C 46 -15.13 11.52 2.94
CA PRO C 46 -14.51 11.49 4.26
C PRO C 46 -14.28 12.91 4.79
N ASP C 47 -13.89 12.98 6.06
CA ASP C 47 -13.59 14.26 6.67
C ASP C 47 -12.34 14.90 6.10
N SER C 48 -11.45 14.11 5.48
CA SER C 48 -10.20 14.63 4.96
C SER C 48 -9.81 13.81 3.73
N ILE C 49 -9.72 14.47 2.58
CA ILE C 49 -9.35 13.83 1.33
C ILE C 49 -7.82 13.92 1.20
N GLN C 50 -7.16 12.78 1.26
CA GLN C 50 -5.71 12.71 1.13
C GLN C 50 -5.32 12.44 -0.31
N VAL C 51 -4.23 13.06 -0.76
CA VAL C 51 -3.70 12.86 -2.10
C VAL C 51 -2.74 11.68 -2.05
N GLY C 52 -2.98 10.69 -2.90
CA GLY C 52 -2.14 9.50 -2.91
C GLY C 52 -1.40 9.27 -4.20
N GLY C 53 -1.65 10.12 -5.21
CA GLY C 53 -1.00 9.94 -6.48
C GLY C 53 -1.11 11.17 -7.36
N ARG C 54 -0.27 11.17 -8.40
CA ARG C 54 -0.30 12.18 -9.44
C ARG C 54 -0.50 11.50 -10.78
N ILE C 55 -1.22 12.17 -11.68
CA ILE C 55 -1.62 11.57 -12.94
C ILE C 55 -1.54 12.62 -14.05
N SER C 56 -1.19 12.15 -15.25
CA SER C 56 -1.16 13.04 -16.40
C SER C 56 -2.58 13.40 -16.81
N PRO C 57 -2.85 14.68 -17.10
CA PRO C 57 -4.22 15.09 -17.42
C PRO C 57 -4.83 14.36 -18.61
N GLN C 58 -4.04 14.01 -19.62
CA GLN C 58 -4.58 13.31 -20.77
C GLN C 58 -5.07 11.91 -20.40
N THR C 59 -4.40 11.26 -19.45
CA THR C 59 -4.88 9.96 -18.97
C THR C 59 -6.24 10.09 -18.29
N VAL C 60 -6.47 11.20 -17.60
CA VAL C 60 -7.77 11.43 -16.97
C VAL C 60 -8.84 11.65 -18.03
N TRP C 61 -8.56 12.52 -19.00
CA TRP C 61 -9.56 12.84 -20.02
C TRP C 61 -9.76 11.70 -21.00
N ASP C 62 -8.73 10.89 -21.24
CA ASP C 62 -8.95 9.65 -21.97
C ASP C 62 -9.87 8.72 -21.19
N TYR C 63 -9.68 8.64 -19.87
CA TYR C 63 -10.49 7.76 -19.04
C TYR C 63 -11.92 8.27 -18.91
N VAL C 64 -12.11 9.59 -18.87
CA VAL C 64 -13.43 10.16 -18.69
C VAL C 64 -14.32 9.85 -19.89
N GLU C 65 -13.76 9.95 -21.11
CA GLU C 65 -14.55 9.67 -22.30
C GLU C 65 -14.94 8.20 -22.39
N LYS C 66 -14.05 7.30 -21.95
CA LYS C 66 -14.42 5.89 -21.87
C LYS C 66 -15.54 5.66 -20.88
N ILE C 67 -15.62 6.49 -19.83
CA ILE C 67 -16.66 6.32 -18.83
C ILE C 67 -18.02 6.74 -19.38
N LYS C 68 -18.05 7.78 -20.21
CA LYS C 68 -19.33 8.27 -20.73
C LYS C 68 -19.96 7.28 -21.71
N ALA C 69 -19.14 6.46 -22.38
CA ALA C 69 -19.70 5.46 -23.29
C ALA C 69 -20.39 4.34 -22.52
N SER C 70 -19.69 3.74 -21.57
CA SER C 70 -20.28 2.69 -20.75
C SER C 70 -21.29 3.30 -19.78
N GLY C 71 -22.50 2.72 -19.75
CA GLY C 71 -23.52 3.20 -18.83
C GLY C 71 -23.29 2.72 -17.41
N THR C 72 -22.04 2.38 -17.09
CA THR C 72 -21.72 1.79 -15.81
C THR C 72 -21.51 2.84 -14.73
N LYS C 73 -20.89 3.96 -15.07
CA LYS C 73 -20.41 4.92 -14.07
C LYS C 73 -21.06 6.28 -14.26
N GLU C 74 -21.17 7.00 -13.16
CA GLU C 74 -21.57 8.40 -13.13
C GLU C 74 -20.34 9.27 -12.91
N ILE C 75 -20.41 10.51 -13.38
CA ILE C 75 -19.32 11.48 -13.23
C ILE C 75 -19.88 12.74 -12.61
N CYS C 76 -19.24 13.21 -11.53
CA CYS C 76 -19.69 14.39 -10.80
C CYS C 76 -18.52 15.35 -10.63
N VAL C 77 -18.77 16.64 -10.90
CA VAL C 77 -17.76 17.68 -10.78
C VAL C 77 -18.17 18.62 -9.66
N VAL C 78 -17.22 18.93 -8.78
CA VAL C 78 -17.45 19.84 -7.67
C VAL C 78 -16.40 20.94 -7.69
N ARG C 79 -16.72 22.04 -7.00
CA ARG C 79 -15.85 23.21 -6.94
C ARG C 79 -15.42 23.43 -5.50
N PHE C 80 -14.10 23.43 -5.27
CA PHE C 80 -13.54 23.65 -3.95
C PHE C 80 -13.23 25.13 -3.75
N THR C 81 -13.61 25.67 -2.59
CA THR C 81 -13.32 27.04 -2.23
C THR C 81 -12.80 27.08 -0.80
N PRO C 82 -11.78 27.90 -0.53
CA PRO C 82 -11.23 27.97 0.83
C PRO C 82 -12.18 28.70 1.77
N VAL C 83 -12.16 28.29 3.03
CA VAL C 83 -13.03 28.86 4.06
C VAL C 83 -12.43 30.13 4.66
N THR C 84 -11.17 30.08 5.09
CA THR C 84 -10.50 31.21 5.73
C THR C 84 -9.34 31.68 4.86
N GLU C 85 -8.79 32.84 5.23
CA GLU C 85 -7.59 33.32 4.56
C GLU C 85 -6.45 32.32 4.71
N GLU C 86 -6.33 31.71 5.89
CA GLU C 86 -5.30 30.69 6.10
C GLU C 86 -5.54 29.48 5.20
N ASP C 87 -6.79 29.07 5.04
CA ASP C 87 -7.11 27.99 4.11
C ASP C 87 -6.74 28.36 2.68
N GLN C 88 -6.82 29.66 2.35
CA GLN C 88 -6.56 30.10 0.99
C GLN C 88 -5.07 30.15 0.66
N ILE C 89 -4.22 30.40 1.66
CA ILE C 89 -2.78 30.36 1.41
C ILE C 89 -2.36 28.97 0.94
N SER C 90 -2.92 27.93 1.56
CA SER C 90 -2.60 26.56 1.16
C SER C 90 -3.39 26.13 -0.07
N TYR C 91 -4.64 26.59 -0.19
CA TYR C 91 -5.41 26.37 -1.41
C TYR C 91 -4.65 26.88 -2.62
N THR C 92 -4.17 28.13 -2.55
CA THR C 92 -3.35 28.67 -3.63
C THR C 92 -2.05 27.90 -3.76
N LEU C 93 -1.43 27.53 -2.64
CA LEU C 93 -0.19 26.75 -2.67
C LEU C 93 -0.38 25.46 -3.46
N LEU C 94 -1.49 24.75 -3.23
CA LEU C 94 -1.70 23.48 -3.88
C LEU C 94 -2.08 23.64 -5.35
N PHE C 95 -2.76 24.73 -5.70
CA PHE C 95 -3.03 25.01 -7.11
C PHE C 95 -1.73 25.16 -7.89
N ALA C 96 -0.88 26.10 -7.46
CA ALA C 96 0.41 26.28 -8.11
C ALA C 96 1.30 25.05 -7.98
N TYR C 97 1.06 24.20 -6.97
CA TYR C 97 1.82 22.97 -6.82
C TYR C 97 1.51 22.00 -7.95
N PHE C 98 0.23 21.74 -8.21
CA PHE C 98 -0.15 20.77 -9.22
C PHE C 98 -0.15 21.38 -10.62
N SER C 99 -0.57 22.65 -10.74
CA SER C 99 -0.68 23.26 -12.07
C SER C 99 0.69 23.48 -12.69
N SER C 100 1.66 23.97 -11.92
CA SER C 100 2.99 24.20 -12.47
C SER C 100 3.71 22.91 -12.81
N ARG C 101 3.28 21.78 -12.26
CA ARG C 101 3.83 20.48 -12.60
C ARG C 101 2.99 19.73 -13.62
N LYS C 102 1.92 20.35 -14.12
CA LYS C 102 1.09 19.79 -15.19
C LYS C 102 0.50 18.43 -14.82
N ARG C 103 0.15 18.25 -13.54
CA ARG C 103 -0.39 16.99 -13.06
C ARG C 103 -1.71 17.24 -12.34
N TYR C 104 -2.51 16.17 -12.24
CA TYR C 104 -3.72 16.16 -11.43
C TYR C 104 -3.48 15.29 -10.19
N GLY C 105 -4.04 15.72 -9.07
CA GLY C 105 -3.96 14.91 -7.87
C GLY C 105 -4.93 13.73 -7.93
N VAL C 106 -4.56 12.66 -7.25
CA VAL C 106 -5.38 11.45 -7.16
C VAL C 106 -5.65 11.17 -5.69
N ALA C 107 -6.91 11.07 -5.32
CA ALA C 107 -7.28 10.83 -3.93
C ALA C 107 -6.94 9.40 -3.52
N ALA C 108 -6.44 9.24 -2.30
CA ALA C 108 -6.03 7.95 -1.78
C ALA C 108 -7.13 7.24 -1.00
N ASN C 109 -8.15 7.96 -0.56
CA ASN C 109 -9.19 7.36 0.28
C ASN C 109 -9.96 6.30 -0.49
N ASN C 110 -10.30 5.22 0.22
CA ASN C 110 -11.18 4.19 -0.32
C ASN C 110 -12.62 4.53 0.09
N LYS C 112 -16.84 5.28 -0.30
CA LYS C 112 -17.97 4.35 -0.42
C LYS C 112 -18.08 3.72 -1.81
N GLN C 113 -18.74 4.42 -2.73
CA GLN C 113 -18.90 3.93 -4.10
C GLN C 113 -18.12 4.77 -5.09
N VAL C 114 -16.95 5.25 -4.67
CA VAL C 114 -16.09 6.09 -5.50
C VAL C 114 -15.05 5.19 -6.15
N LYS C 115 -15.14 5.03 -7.47
CA LYS C 115 -14.11 4.29 -8.19
C LYS C 115 -12.83 5.10 -8.28
N ASP C 116 -12.94 6.40 -8.52
CA ASP C 116 -11.78 7.27 -8.65
C ASP C 116 -12.19 8.69 -8.32
N TYR C 118 -10.26 12.77 -8.62
CA TYR C 118 -9.11 13.55 -9.04
C TYR C 118 -9.27 15.00 -8.61
N LEU C 119 -8.15 15.61 -8.21
CA LEU C 119 -8.10 17.02 -7.83
C LEU C 119 -7.51 17.80 -9.02
N ILE C 120 -8.37 18.54 -9.71
CA ILE C 120 -8.03 19.15 -10.99
C ILE C 120 -7.81 20.64 -10.77
N PRO C 121 -6.62 21.17 -11.05
CA PRO C 121 -6.43 22.63 -11.09
C PRO C 121 -6.93 23.20 -12.41
N LEU C 122 -7.79 24.20 -12.34
CA LEU C 122 -8.31 24.89 -13.51
C LEU C 122 -8.05 26.38 -13.34
N GLY C 123 -7.12 26.92 -14.14
CA GLY C 123 -6.80 28.32 -14.05
C GLY C 123 -7.91 29.21 -14.56
N ALA C 124 -7.85 30.48 -14.14
CA ALA C 124 -8.79 31.47 -14.65
C ALA C 124 -8.64 31.66 -16.15
N THR C 125 -7.43 31.48 -16.67
CA THR C 125 -7.18 31.63 -18.10
C THR C 125 -7.71 30.44 -18.89
N ASP C 126 -7.72 29.25 -18.28
CA ASP C 126 -7.85 28.02 -19.04
C ASP C 126 -9.25 27.85 -19.64
N LYS C 127 -9.29 27.31 -20.85
CA LYS C 127 -10.53 26.78 -21.40
C LYS C 127 -10.91 25.52 -20.64
N ILE C 128 -12.21 25.33 -20.43
CA ILE C 128 -12.66 24.11 -19.76
C ILE C 128 -12.40 22.91 -20.66
N PRO C 129 -11.83 21.82 -20.13
CA PRO C 129 -11.49 20.68 -21.00
C PRO C 129 -12.70 20.15 -21.76
N HIS C 130 -12.45 19.73 -23.00
CA HIS C 130 -13.53 19.24 -23.86
C HIS C 130 -14.34 18.09 -23.26
N PRO C 131 -13.75 17.08 -22.59
CA PRO C 131 -14.57 16.00 -22.04
C PRO C 131 -15.56 16.44 -20.97
N LEU C 132 -15.44 17.67 -20.44
CA LEU C 132 -16.31 18.13 -19.37
C LEU C 132 -17.51 18.94 -19.86
N VAL C 133 -17.47 19.47 -21.07
CA VAL C 133 -18.59 20.25 -21.59
C VAL C 133 -19.59 19.31 -22.24
N PRO C 134 -20.91 19.55 -22.09
CA PRO C 134 -21.44 20.68 -21.33
C PRO C 134 -21.65 20.33 -19.87
N PHE C 135 -21.73 21.34 -19.01
CA PHE C 135 -21.95 21.11 -17.60
C PHE C 135 -23.43 20.84 -17.36
N ASP C 136 -23.74 19.64 -16.84
CA ASP C 136 -25.09 19.30 -16.43
C ASP C 136 -25.26 19.76 -14.99
N GLY C 137 -25.48 21.07 -14.83
CA GLY C 137 -25.62 21.66 -13.52
C GLY C 137 -25.33 23.15 -13.52
N PRO C 138 -24.86 23.66 -12.38
CA PRO C 138 -24.62 25.11 -12.28
C PRO C 138 -23.51 25.62 -13.19
N GLY C 139 -22.50 24.80 -13.47
CA GLY C 139 -21.44 25.22 -14.36
C GLY C 139 -20.41 26.08 -13.66
N LEU C 140 -19.68 26.87 -14.46
CA LEU C 140 -18.63 27.73 -13.97
C LEU C 140 -18.79 29.12 -14.57
N GLU C 141 -18.60 30.14 -13.74
CA GLU C 141 -18.65 31.52 -14.19
C GLU C 141 -17.50 31.82 -15.13
N LEU C 142 -17.70 32.82 -16.01
CA LEU C 142 -16.65 33.20 -16.93
C LEU C 142 -15.49 33.86 -16.20
N HIS C 143 -15.80 34.85 -15.36
CA HIS C 143 -14.78 35.55 -14.58
C HIS C 143 -14.66 34.86 -13.23
N ARG C 144 -13.67 33.99 -13.11
CA ARG C 144 -13.43 33.17 -11.94
C ARG C 144 -11.98 33.28 -11.52
N PRO C 145 -11.66 32.93 -10.28
CA PRO C 145 -10.26 32.85 -9.86
C PRO C 145 -9.68 31.49 -10.26
N ASN C 146 -8.40 31.30 -9.90
CA ASN C 146 -7.80 29.98 -10.01
C ASN C 146 -8.54 29.01 -9.09
N LEU C 147 -8.94 27.87 -9.62
CA LEU C 147 -9.85 26.97 -8.92
C LEU C 147 -9.30 25.56 -8.89
N LEU C 148 -9.66 24.85 -7.82
CA LEU C 148 -9.43 23.42 -7.69
C LEU C 148 -10.76 22.71 -7.85
N LEU C 149 -10.83 21.75 -8.77
CA LEU C 149 -12.04 20.99 -9.00
C LEU C 149 -11.88 19.56 -8.51
N GLY C 150 -13.01 18.93 -8.21
CA GLY C 150 -13.06 17.53 -7.85
C GLY C 150 -13.78 16.74 -8.94
N LEU C 151 -13.11 15.72 -9.45
CA LEU C 151 -13.65 14.85 -10.50
C LEU C 151 -13.95 13.49 -9.87
N ILE C 152 -15.20 13.31 -9.43
CA ILE C 152 -15.62 12.14 -8.68
C ILE C 152 -16.30 11.18 -9.63
N ILE C 153 -15.73 9.99 -9.80
CA ILE C 153 -16.26 8.95 -10.67
C ILE C 153 -16.83 7.86 -9.78
N ARG C 154 -18.15 7.68 -9.84
CA ARG C 154 -18.85 6.74 -8.97
C ARG C 154 -19.54 5.67 -9.82
N GLN C 155 -20.10 4.69 -9.12
CA GLN C 155 -20.93 3.68 -9.76
C GLN C 155 -22.36 4.20 -9.92
N LYS C 156 -22.95 3.94 -11.07
CA LYS C 156 -24.34 4.33 -11.34
C LYS C 156 -25.25 3.20 -10.88
N LEU C 157 -26.11 3.50 -9.91
CA LEU C 157 -27.05 2.52 -9.35
C LEU C 157 -28.08 3.29 -8.52
N LYS C 158 -29.06 2.55 -7.99
CA LYS C 158 -30.07 3.08 -7.09
C LYS C 158 -29.91 2.40 -5.74
N ARG C 159 -29.76 3.19 -4.68
CA ARG C 159 -29.68 2.66 -3.32
C ARG C 159 -31.05 2.71 -2.65
N GLN C 160 -31.12 2.10 -1.46
CA GLN C 160 -32.34 2.12 -0.67
C GLN C 160 -32.46 3.42 0.12
N ASN D 12 0.03 -31.06 -0.44
CA ASN D 12 -0.21 -30.00 -1.42
C ASN D 12 1.07 -29.21 -1.68
N PHE D 13 1.57 -29.27 -2.91
CA PHE D 13 2.83 -28.66 -3.26
C PHE D 13 2.69 -27.14 -3.43
N ILE D 14 3.79 -26.44 -3.17
CA ILE D 14 3.81 -24.99 -3.28
C ILE D 14 4.35 -24.49 -4.61
N TRP D 15 4.98 -25.36 -5.40
CA TRP D 15 5.53 -24.94 -6.69
C TRP D 15 5.95 -26.17 -7.48
N LYS D 16 5.76 -26.11 -8.79
CA LYS D 16 6.16 -27.17 -9.71
C LYS D 16 6.97 -26.56 -10.84
N GLY D 17 8.10 -27.18 -11.16
CA GLY D 17 8.94 -26.67 -12.22
C GLY D 17 10.17 -27.52 -12.43
N PHE D 18 11.13 -26.98 -13.15
CA PHE D 18 12.37 -27.67 -13.48
C PHE D 18 13.48 -27.30 -12.50
N ILE D 19 14.44 -28.22 -12.37
CA ILE D 19 15.72 -27.96 -11.73
C ILE D 19 16.78 -28.30 -12.75
N ASN D 20 17.45 -27.28 -13.27
CA ASN D 20 18.37 -27.44 -14.40
C ASN D 20 19.79 -27.10 -13.96
N PRO D 22 23.08 -27.30 -16.03
CA PRO D 22 23.32 -27.47 -17.47
C PRO D 22 24.11 -28.72 -17.83
N SER D 23 23.51 -29.58 -18.66
CA SER D 23 24.11 -30.79 -19.22
C SER D 23 24.58 -31.78 -18.16
N VAL D 24 24.15 -31.63 -16.92
CA VAL D 24 24.40 -32.61 -15.88
C VAL D 24 23.12 -33.38 -15.56
N ALA D 25 22.02 -32.66 -15.33
CA ALA D 25 20.72 -33.26 -15.07
C ALA D 25 19.66 -32.17 -15.14
N LYS D 26 18.52 -32.50 -15.76
CA LYS D 26 17.39 -31.59 -15.85
C LYS D 26 16.11 -32.39 -15.71
N PHE D 27 15.21 -31.93 -14.85
CA PHE D 27 14.04 -32.72 -14.48
C PHE D 27 12.97 -31.82 -13.87
N VAL D 28 11.73 -32.28 -13.95
CA VAL D 28 10.60 -31.59 -13.34
C VAL D 28 10.46 -32.05 -11.89
N THR D 29 10.17 -31.12 -10.99
CA THR D 29 10.05 -31.43 -9.57
C THR D 29 8.83 -30.71 -9.00
N LYS D 30 8.46 -31.14 -7.79
CA LYS D 30 7.45 -30.48 -6.99
C LYS D 30 8.06 -30.12 -5.64
N ALA D 31 7.70 -28.94 -5.13
CA ALA D 31 8.25 -28.43 -3.88
C ALA D 31 7.21 -28.52 -2.77
N TYR D 32 7.60 -29.12 -1.65
CA TYR D 32 6.75 -29.22 -0.48
C TYR D 32 7.41 -28.55 0.72
N PRO D 33 6.64 -27.91 1.60
CA PRO D 33 7.26 -27.16 2.70
C PRO D 33 7.86 -28.08 3.75
N VAL D 34 8.89 -27.55 4.42
CA VAL D 34 9.58 -28.28 5.48
C VAL D 34 9.70 -27.39 6.71
N SER D 35 10.16 -26.16 6.51
CA SER D 35 10.38 -25.24 7.62
C SER D 35 10.17 -23.81 7.14
N GLY D 36 9.68 -22.97 8.03
CA GLY D 36 9.47 -21.57 7.72
C GLY D 36 8.21 -21.32 6.92
N SER D 37 7.92 -20.04 6.71
CA SER D 37 6.72 -19.64 5.97
C SER D 37 6.98 -19.76 4.47
N PRO D 38 6.22 -20.61 3.75
CA PRO D 38 6.42 -20.72 2.31
C PRO D 38 5.47 -19.84 1.51
N GLU D 39 5.03 -18.73 2.10
CA GLU D 39 4.15 -17.82 1.39
C GLU D 39 4.86 -17.18 0.23
N TYR D 40 4.09 -16.90 -0.83
CA TYR D 40 4.51 -16.17 -2.01
C TYR D 40 5.47 -16.95 -2.90
N LEU D 41 5.90 -18.15 -2.49
CA LEU D 41 6.87 -18.87 -3.31
C LEU D 41 6.25 -19.30 -4.63
N THR D 42 4.95 -19.66 -4.65
CA THR D 42 4.30 -20.15 -5.86
C THR D 42 4.54 -19.21 -7.04
N GLU D 43 4.47 -17.90 -6.82
CA GLU D 43 4.60 -16.95 -7.90
C GLU D 43 6.03 -16.46 -8.10
N ASP D 44 6.79 -16.30 -7.02
CA ASP D 44 8.15 -15.81 -7.12
C ASP D 44 9.17 -16.87 -7.51
N LEU D 45 8.82 -18.16 -7.47
CA LEU D 45 9.94 -18.84 -8.13
C LEU D 45 9.59 -19.16 -9.58
N PRO D 46 10.61 -19.16 -10.45
CA PRO D 46 10.37 -19.27 -11.88
C PRO D 46 9.97 -20.70 -12.26
N ASP D 47 9.85 -20.92 -13.56
CA ASP D 47 9.52 -22.25 -14.07
C ASP D 47 10.73 -23.17 -14.14
N SER D 48 11.94 -22.62 -14.10
CA SER D 48 13.15 -23.43 -14.20
C SER D 48 14.24 -22.78 -13.37
N ILE D 49 14.78 -23.52 -12.41
CA ILE D 49 15.81 -23.03 -11.50
C ILE D 49 17.16 -23.49 -12.01
N GLN D 50 17.95 -22.56 -12.53
CA GLN D 50 19.31 -22.86 -12.95
C GLN D 50 20.22 -22.85 -11.73
N VAL D 51 20.85 -23.99 -11.45
CA VAL D 51 21.90 -24.06 -10.45
C VAL D 51 23.24 -24.09 -11.20
N GLY D 52 23.99 -23.00 -11.09
CA GLY D 52 25.19 -22.81 -11.88
C GLY D 52 26.50 -22.83 -11.13
N GLY D 53 26.51 -23.28 -9.88
CA GLY D 53 27.73 -23.28 -9.12
C GLY D 53 27.64 -24.23 -7.94
N ARG D 54 28.79 -24.42 -7.31
CA ARG D 54 28.95 -25.32 -6.17
C ARG D 54 29.59 -24.54 -5.02
N ILE D 55 29.18 -24.86 -3.81
CA ILE D 55 29.60 -24.09 -2.64
C ILE D 55 29.91 -25.05 -1.50
N SER D 56 30.91 -24.69 -0.71
CA SER D 56 31.25 -25.48 0.47
C SER D 56 30.09 -25.44 1.45
N PRO D 57 29.72 -26.59 2.04
CA PRO D 57 28.55 -26.59 2.95
C PRO D 57 28.74 -25.72 4.19
N GLN D 58 29.94 -25.72 4.78
CA GLN D 58 30.16 -24.93 6.00
C GLN D 58 30.00 -23.44 5.73
N THR D 59 30.34 -22.98 4.53
CA THR D 59 30.08 -21.59 4.17
C THR D 59 28.59 -21.28 4.23
N VAL D 60 27.75 -22.24 3.85
CA VAL D 60 26.30 -22.04 3.91
C VAL D 60 25.85 -21.91 5.37
N TRP D 61 26.37 -22.76 6.25
CA TRP D 61 25.86 -22.86 7.61
C TRP D 61 26.31 -21.68 8.47
N ASP D 62 27.53 -21.19 8.26
CA ASP D 62 27.93 -19.94 8.91
C ASP D 62 27.10 -18.76 8.39
N TYR D 63 26.76 -18.77 7.09
CA TYR D 63 25.81 -17.80 6.58
C TYR D 63 24.47 -17.94 7.29
N VAL D 64 23.90 -19.15 7.28
CA VAL D 64 22.58 -19.38 7.86
C VAL D 64 22.52 -18.94 9.32
N GLU D 65 23.58 -19.18 10.08
CA GLU D 65 23.57 -18.80 11.49
C GLU D 65 23.62 -17.28 11.64
N LYS D 66 24.33 -16.58 10.75
CA LYS D 66 24.32 -15.12 10.79
C LYS D 66 22.93 -14.57 10.51
N ILE D 67 22.18 -15.24 9.64
CA ILE D 67 20.84 -14.77 9.30
C ILE D 67 19.88 -15.00 10.47
N LYS D 68 20.03 -16.13 11.16
CA LYS D 68 19.15 -16.42 12.29
C LYS D 68 19.30 -15.40 13.41
N ALA D 69 20.49 -14.81 13.55
CA ALA D 69 20.72 -13.83 14.61
C ALA D 69 20.10 -12.48 14.26
N SER D 70 20.44 -11.94 13.09
CA SER D 70 19.91 -10.66 12.63
C SER D 70 18.62 -10.92 11.86
N GLY D 71 17.49 -10.59 12.49
CA GLY D 71 16.19 -10.91 11.92
C GLY D 71 15.76 -10.05 10.75
N THR D 72 16.64 -9.85 9.78
CA THR D 72 16.32 -9.11 8.57
C THR D 72 16.05 -10.00 7.37
N LYS D 73 16.21 -11.32 7.52
CA LYS D 73 15.99 -12.24 6.42
C LYS D 73 15.14 -13.41 6.90
N GLU D 74 14.44 -14.03 5.96
CA GLU D 74 13.62 -15.21 6.22
C GLU D 74 14.30 -16.44 5.66
N ILE D 75 14.18 -17.56 6.37
CA ILE D 75 14.72 -18.84 5.94
C ILE D 75 13.56 -19.80 5.71
N CYS D 76 13.45 -20.30 4.48
CA CYS D 76 12.43 -21.27 4.12
C CYS D 76 13.09 -22.51 3.53
N VAL D 77 12.72 -23.68 4.04
CA VAL D 77 13.27 -24.95 3.58
C VAL D 77 12.15 -25.76 2.94
N VAL D 78 12.42 -26.28 1.74
CA VAL D 78 11.43 -27.02 0.98
C VAL D 78 11.98 -28.41 0.65
N ARG D 79 11.08 -29.26 0.16
CA ARG D 79 11.41 -30.64 -0.18
C ARG D 79 11.09 -30.88 -1.65
N PHE D 80 12.07 -31.39 -2.39
CA PHE D 80 11.92 -31.65 -3.82
C PHE D 80 11.67 -33.14 -4.04
N THR D 81 10.61 -33.45 -4.80
CA THR D 81 10.30 -34.82 -5.18
C THR D 81 10.04 -34.86 -6.68
N PRO D 82 10.61 -35.82 -7.41
CA PRO D 82 10.36 -35.89 -8.85
C PRO D 82 8.95 -36.38 -9.15
N VAL D 83 8.42 -35.95 -10.30
CA VAL D 83 7.05 -36.27 -10.66
C VAL D 83 6.94 -37.54 -11.49
N THR D 84 7.95 -37.85 -12.31
CA THR D 84 7.94 -39.03 -13.16
C THR D 84 9.20 -39.84 -12.92
N GLU D 85 9.18 -41.09 -13.39
CA GLU D 85 10.31 -41.99 -13.20
C GLU D 85 11.54 -41.49 -13.95
N GLU D 86 11.34 -40.93 -15.15
CA GLU D 86 12.47 -40.41 -15.91
C GLU D 86 13.05 -39.17 -15.24
N ASP D 87 12.20 -38.33 -14.64
CA ASP D 87 12.71 -37.22 -13.84
C ASP D 87 13.46 -37.72 -12.61
N GLN D 88 13.05 -38.86 -12.07
CA GLN D 88 13.74 -39.43 -10.92
C GLN D 88 15.13 -39.93 -11.28
N ILE D 89 15.34 -40.32 -12.54
CA ILE D 89 16.68 -40.74 -12.97
C ILE D 89 17.66 -39.58 -12.84
N SER D 90 17.24 -38.38 -13.28
CA SER D 90 18.10 -37.20 -13.15
C SER D 90 18.12 -36.69 -11.71
N TYR D 91 16.98 -36.77 -11.01
CA TYR D 91 16.94 -36.40 -9.60
C TYR D 91 17.96 -37.21 -8.81
N THR D 92 18.01 -38.52 -9.02
CA THR D 92 19.01 -39.35 -8.36
C THR D 92 20.42 -39.00 -8.84
N LEU D 93 20.56 -38.70 -10.13
CA LEU D 93 21.88 -38.38 -10.67
C LEU D 93 22.43 -37.10 -10.06
N LEU D 94 21.58 -36.09 -9.87
CA LEU D 94 22.05 -34.83 -9.31
C LEU D 94 22.33 -34.95 -7.82
N PHE D 95 21.65 -35.86 -7.12
CA PHE D 95 21.96 -36.11 -5.72
C PHE D 95 23.35 -36.74 -5.59
N ALA D 96 23.61 -37.78 -6.37
CA ALA D 96 24.92 -38.42 -6.34
C ALA D 96 26.03 -37.45 -6.72
N TYR D 97 25.70 -36.42 -7.50
CA TYR D 97 26.70 -35.42 -7.88
C TYR D 97 27.14 -34.60 -6.67
N PHE D 98 26.20 -33.89 -6.05
CA PHE D 98 26.56 -33.01 -4.94
C PHE D 98 26.95 -33.80 -3.69
N SER D 99 26.27 -34.92 -3.44
CA SER D 99 26.53 -35.69 -2.22
C SER D 99 27.94 -36.27 -2.22
N SER D 100 28.36 -36.86 -3.34
CA SER D 100 29.69 -37.45 -3.41
C SER D 100 30.78 -36.38 -3.34
N ARG D 101 30.58 -35.26 -4.03
CA ARG D 101 31.55 -34.17 -4.02
C ARG D 101 31.48 -33.33 -2.74
N LYS D 102 30.55 -33.64 -1.83
CA LYS D 102 30.46 -33.00 -0.52
C LYS D 102 30.28 -31.49 -0.65
N ARG D 103 29.36 -31.09 -1.54
CA ARG D 103 29.10 -29.67 -1.80
C ARG D 103 27.61 -29.47 -2.04
N TYR D 104 27.21 -28.20 -2.08
CA TYR D 104 25.83 -27.81 -2.34
C TYR D 104 25.74 -27.05 -3.66
N GLY D 105 24.54 -27.01 -4.22
CA GLY D 105 24.28 -26.18 -5.37
C GLY D 105 23.82 -24.78 -4.97
N VAL D 106 23.92 -23.85 -5.91
CA VAL D 106 23.49 -22.48 -5.71
C VAL D 106 22.70 -22.03 -6.93
N ALA D 107 21.54 -21.43 -6.69
CA ALA D 107 20.69 -20.97 -7.77
C ALA D 107 21.33 -19.81 -8.50
N ALA D 108 21.12 -19.77 -9.83
CA ALA D 108 21.70 -18.74 -10.68
C ALA D 108 20.71 -17.68 -11.14
N ASN D 109 19.41 -17.97 -11.11
CA ASN D 109 18.43 -16.98 -11.55
C ASN D 109 18.43 -15.77 -10.64
N ASN D 110 18.02 -14.63 -11.20
CA ASN D 110 17.68 -13.45 -10.39
C ASN D 110 16.19 -13.52 -10.13
N LYS D 112 12.62 -12.91 -7.73
CA LYS D 112 12.00 -11.70 -7.18
C LYS D 112 12.51 -11.34 -5.78
N GLN D 113 12.01 -12.02 -4.75
CA GLN D 113 12.31 -11.65 -3.37
C GLN D 113 13.41 -12.51 -2.76
N VAL D 114 13.95 -13.47 -3.50
CA VAL D 114 15.01 -14.31 -2.98
C VAL D 114 16.31 -13.53 -2.97
N LYS D 115 17.12 -13.76 -1.94
CA LYS D 115 18.50 -13.27 -1.89
C LYS D 115 19.48 -14.33 -2.34
N ASP D 116 19.39 -15.53 -1.77
CA ASP D 116 20.18 -16.67 -2.18
C ASP D 116 19.33 -17.93 -2.06
N TYR D 118 20.05 -22.36 -2.10
CA TYR D 118 20.99 -23.47 -2.19
C TYR D 118 20.22 -24.79 -2.27
N LEU D 119 20.80 -25.73 -3.02
CA LEU D 119 20.25 -27.06 -3.21
C LEU D 119 21.11 -28.04 -2.40
N ILE D 120 20.52 -28.61 -1.35
CA ILE D 120 21.25 -29.40 -0.36
C ILE D 120 20.91 -30.87 -0.56
N PRO D 121 21.89 -31.74 -0.78
CA PRO D 121 21.63 -33.18 -0.78
C PRO D 121 21.64 -33.73 0.65
N LEU D 122 20.57 -34.44 1.01
CA LEU D 122 20.43 -35.01 2.35
C LEU D 122 20.26 -36.51 2.22
N GLY D 123 21.22 -37.25 2.77
CA GLY D 123 21.15 -38.70 2.71
C GLY D 123 19.99 -39.27 3.49
N ALA D 124 19.65 -40.52 3.16
CA ALA D 124 18.49 -41.17 3.78
C ALA D 124 18.71 -41.35 5.29
N THR D 125 19.92 -41.73 5.68
CA THR D 125 20.27 -41.90 7.09
C THR D 125 21.20 -40.81 7.60
N ASP D 126 21.51 -39.81 6.77
CA ASP D 126 22.29 -38.68 7.24
C ASP D 126 21.51 -37.91 8.30
N LYS D 127 22.23 -37.42 9.31
CA LYS D 127 21.60 -36.58 10.32
C LYS D 127 21.29 -35.21 9.73
N ILE D 128 20.15 -34.66 10.12
CA ILE D 128 19.77 -33.33 9.61
C ILE D 128 20.78 -32.31 10.10
N PRO D 129 21.36 -31.48 9.21
CA PRO D 129 22.40 -30.55 9.65
C PRO D 129 21.93 -29.64 10.77
N HIS D 130 22.84 -29.38 11.71
CA HIS D 130 22.47 -28.69 12.95
C HIS D 130 21.87 -27.31 12.77
N PRO D 131 22.34 -26.45 11.86
CA PRO D 131 21.72 -25.11 11.75
C PRO D 131 20.28 -25.14 11.28
N LEU D 132 19.77 -26.28 10.80
CA LEU D 132 18.41 -26.37 10.29
C LEU D 132 17.42 -26.98 11.27
N VAL D 133 17.88 -27.65 12.32
CA VAL D 133 17.00 -28.42 13.20
C VAL D 133 16.14 -27.47 14.02
N PRO D 134 15.29 -27.95 14.96
CA PRO D 134 13.96 -27.37 15.10
C PRO D 134 13.41 -26.72 13.83
N PHE D 135 12.95 -27.55 12.90
CA PHE D 135 12.18 -27.07 11.78
C PHE D 135 10.97 -26.29 12.27
N ASP D 136 10.70 -25.15 11.62
CA ASP D 136 9.50 -24.38 11.92
C ASP D 136 8.41 -24.74 10.90
N GLY D 137 7.95 -25.98 11.00
CA GLY D 137 6.90 -26.45 10.12
C GLY D 137 6.75 -27.97 10.13
N PRO D 138 6.32 -28.52 8.99
CA PRO D 138 6.06 -29.96 8.92
C PRO D 138 7.30 -30.81 9.09
N GLY D 139 8.48 -30.30 8.76
CA GLY D 139 9.70 -31.06 8.97
C GLY D 139 9.83 -32.20 7.96
N LEU D 140 10.54 -33.25 8.40
CA LEU D 140 10.81 -34.40 7.56
C LEU D 140 10.48 -35.68 8.32
N GLU D 141 10.09 -36.71 7.57
CA GLU D 141 9.88 -38.02 8.17
C GLU D 141 11.21 -38.66 8.52
N LEU D 142 11.16 -39.62 9.45
CA LEU D 142 12.37 -40.35 9.81
C LEU D 142 12.79 -41.32 8.72
N HIS D 143 11.85 -42.14 8.26
CA HIS D 143 12.08 -43.05 7.13
C HIS D 143 11.82 -42.29 5.84
N ARG D 144 12.90 -41.93 5.14
CA ARG D 144 12.81 -41.07 3.97
C ARG D 144 13.86 -41.50 2.96
N PRO D 145 13.65 -41.22 1.68
CA PRO D 145 14.66 -41.52 0.67
C PRO D 145 15.72 -40.42 0.64
N ASN D 146 16.68 -40.58 -0.26
CA ASN D 146 17.63 -39.51 -0.52
C ASN D 146 16.90 -38.31 -1.11
N LEU D 147 17.07 -37.16 -0.48
CA LEU D 147 16.29 -35.97 -0.81
C LEU D 147 17.20 -34.84 -1.28
N LEU D 148 16.66 -34.01 -2.16
CA LEU D 148 17.26 -32.74 -2.53
C LEU D 148 16.42 -31.64 -1.88
N LEU D 149 17.05 -30.88 -0.97
CA LEU D 149 16.35 -29.85 -0.22
C LEU D 149 16.65 -28.47 -0.82
N GLY D 150 15.67 -27.58 -0.70
CA GLY D 150 15.85 -26.22 -1.13
C GLY D 150 15.89 -25.24 0.03
N LEU D 151 17.03 -24.58 0.20
CA LEU D 151 17.20 -23.56 1.24
C LEU D 151 17.03 -22.19 0.58
N ILE D 152 15.93 -21.52 0.92
CA ILE D 152 15.55 -20.27 0.26
C ILE D 152 15.65 -19.15 1.28
N ILE D 153 16.58 -18.23 1.05
CA ILE D 153 16.80 -17.08 1.91
C ILE D 153 16.21 -15.86 1.22
N ARG D 154 15.21 -15.24 1.85
CA ARG D 154 14.53 -14.07 1.30
C ARG D 154 14.53 -12.94 2.32
N GLN D 155 14.50 -11.72 1.81
CA GLN D 155 14.54 -10.55 2.68
C GLN D 155 13.21 -10.38 3.39
N LYS D 156 13.29 -10.09 4.70
CA LYS D 156 12.09 -9.95 5.51
C LYS D 156 11.43 -8.60 5.27
N LEU D 157 10.12 -8.62 5.04
CA LEU D 157 9.33 -7.41 4.84
C LEU D 157 7.86 -7.82 4.82
N LYS D 158 6.99 -6.81 4.89
CA LYS D 158 5.57 -6.96 4.60
C LYS D 158 5.26 -6.11 3.37
N ARG D 159 4.75 -6.75 2.33
CA ARG D 159 4.51 -6.11 1.05
C ARG D 159 3.02 -5.90 0.82
N GLN D 160 2.72 -5.02 -0.13
CA GLN D 160 1.33 -4.71 -0.48
C GLN D 160 0.94 -5.32 -1.81
N ASN E 12 27.80 17.60 -6.32
CA ASN E 12 28.38 16.39 -6.89
C ASN E 12 27.79 15.15 -6.21
N PHE E 13 27.06 14.36 -6.99
CA PHE E 13 26.30 13.23 -6.46
C PHE E 13 27.08 11.93 -6.61
N ILE E 14 26.55 10.89 -5.96
CA ILE E 14 27.15 9.56 -5.98
C ILE E 14 26.41 8.63 -6.94
N TRP E 15 25.09 8.70 -6.96
CA TRP E 15 24.29 7.81 -7.78
C TRP E 15 23.06 8.56 -8.29
N LYS E 16 22.62 8.20 -9.49
CA LYS E 16 21.43 8.78 -10.10
C LYS E 16 20.61 7.68 -10.76
N GLY E 17 19.34 7.60 -10.40
CA GLY E 17 18.48 6.57 -10.98
C GLY E 17 17.12 6.60 -10.36
N PHE E 18 16.29 5.65 -10.79
CA PHE E 18 14.90 5.57 -10.37
C PHE E 18 14.78 4.90 -9.00
N ILE E 19 13.80 5.37 -8.23
CA ILE E 19 13.29 4.66 -7.06
C ILE E 19 11.84 4.31 -7.38
N ASN E 20 11.50 3.03 -7.33
CA ASN E 20 10.24 2.53 -7.85
C ASN E 20 9.54 1.68 -6.79
N PRO E 22 5.88 0.05 -6.77
CA PRO E 22 4.65 -0.12 -7.56
C PRO E 22 3.42 0.28 -6.77
N SER E 23 2.56 1.06 -7.42
CA SER E 23 1.29 1.58 -6.88
C SER E 23 1.48 2.62 -5.79
N VAL E 24 2.71 3.05 -5.53
CA VAL E 24 2.97 4.05 -4.50
C VAL E 24 3.61 5.29 -5.12
N ALA E 25 4.84 5.13 -5.64
CA ALA E 25 5.55 6.26 -6.20
C ALA E 25 6.69 5.77 -7.09
N LYS E 26 7.04 6.58 -8.08
CA LYS E 26 8.18 6.33 -8.95
C LYS E 26 8.73 7.67 -9.40
N PHE E 27 10.05 7.86 -9.27
CA PHE E 27 10.65 9.14 -9.57
C PHE E 27 12.14 8.96 -9.78
N VAL E 28 12.76 9.96 -10.40
CA VAL E 28 14.20 10.02 -10.59
C VAL E 28 14.81 10.78 -9.42
N THR E 29 15.91 10.27 -8.89
CA THR E 29 16.51 10.85 -7.69
C THR E 29 18.04 10.79 -7.80
N LYS E 30 18.69 11.67 -7.06
CA LYS E 30 20.14 11.68 -6.92
C LYS E 30 20.50 11.39 -5.46
N ALA E 31 21.65 10.72 -5.28
CA ALA E 31 22.11 10.32 -3.96
C ALA E 31 23.36 11.13 -3.60
N TYR E 32 23.35 11.72 -2.41
CA TYR E 32 24.49 12.44 -1.89
C TYR E 32 24.96 11.82 -0.58
N PRO E 33 26.27 11.74 -0.35
CA PRO E 33 26.77 11.04 0.84
C PRO E 33 26.42 11.76 2.13
N VAL E 34 26.16 10.96 3.17
CA VAL E 34 25.89 11.46 4.51
C VAL E 34 26.86 10.88 5.53
N SER E 35 27.06 9.56 5.50
CA SER E 35 27.93 8.89 6.45
C SER E 35 28.46 7.61 5.81
N GLY E 36 29.69 7.26 6.18
CA GLY E 36 30.34 6.07 5.67
C GLY E 36 31.13 6.34 4.39
N SER E 37 31.76 5.28 3.90
CA SER E 37 32.52 5.34 2.66
C SER E 37 31.62 4.94 1.50
N PRO E 38 31.26 5.87 0.60
CA PRO E 38 30.25 5.56 -0.41
C PRO E 38 30.79 5.42 -1.82
N GLU E 39 32.11 5.35 -1.98
CA GLU E 39 32.59 4.92 -3.30
C GLU E 39 32.20 3.46 -3.55
N TYR E 40 32.33 3.07 -4.83
CA TYR E 40 31.85 1.80 -5.41
C TYR E 40 30.34 1.82 -5.64
N LEU E 41 29.65 2.75 -4.97
CA LEU E 41 28.19 2.75 -4.99
C LEU E 41 27.63 3.02 -6.39
N THR E 42 28.37 3.79 -7.20
CA THR E 42 27.92 4.04 -8.57
C THR E 42 27.85 2.74 -9.36
N GLU E 43 28.89 1.91 -9.26
CA GLU E 43 28.91 0.65 -10.00
C GLU E 43 28.04 -0.41 -9.34
N ASP E 44 28.10 -0.51 -8.00
CA ASP E 44 27.35 -1.55 -7.29
C ASP E 44 25.86 -1.29 -7.25
N LEU E 45 25.38 -0.11 -7.71
CA LEU E 45 23.95 0.10 -7.71
C LEU E 45 23.38 -0.03 -9.11
N PRO E 46 22.16 -0.54 -9.25
CA PRO E 46 21.52 -0.64 -10.55
C PRO E 46 20.90 0.69 -10.95
N ASP E 47 20.21 0.68 -12.09
CA ASP E 47 19.58 1.90 -12.60
C ASP E 47 18.24 2.20 -11.95
N SER E 48 17.59 1.21 -11.35
CA SER E 48 16.27 1.41 -10.76
C SER E 48 16.15 0.57 -9.50
N ILE E 49 15.90 1.23 -8.37
CA ILE E 49 15.76 0.54 -7.08
C ILE E 49 14.28 0.27 -6.85
N GLN E 50 13.93 -1.01 -6.76
CA GLN E 50 12.57 -1.41 -6.46
C GLN E 50 12.44 -1.63 -4.95
N VAL E 51 11.53 -0.90 -4.31
CA VAL E 51 11.24 -1.10 -2.90
C VAL E 51 10.08 -2.08 -2.80
N GLY E 52 10.28 -3.16 -2.04
CA GLY E 52 9.36 -4.27 -2.03
C GLY E 52 8.31 -4.22 -0.94
N GLY E 53 8.60 -3.56 0.17
CA GLY E 53 7.65 -3.50 1.26
C GLY E 53 8.25 -2.78 2.46
N ARG E 54 7.51 -2.85 3.56
CA ARG E 54 7.86 -2.16 4.79
C ARG E 54 8.58 -3.09 5.76
N ILE E 55 9.20 -2.49 6.77
CA ILE E 55 9.80 -3.22 7.87
C ILE E 55 9.83 -2.29 9.08
N SER E 56 9.63 -2.87 10.27
CA SER E 56 9.58 -2.07 11.47
C SER E 56 10.98 -1.54 11.79
N PRO E 57 11.12 -0.26 12.11
CA PRO E 57 12.47 0.31 12.30
C PRO E 57 13.26 -0.33 13.42
N GLN E 58 12.59 -0.90 14.44
CA GLN E 58 13.31 -1.54 15.52
C GLN E 58 14.12 -2.73 15.03
N THR E 59 13.62 -3.45 14.03
CA THR E 59 14.38 -4.55 13.45
C THR E 59 15.64 -4.04 12.75
N VAL E 60 15.51 -2.91 12.03
CA VAL E 60 16.67 -2.34 11.35
C VAL E 60 17.69 -1.83 12.37
N TRP E 61 17.22 -1.18 13.44
CA TRP E 61 18.12 -0.64 14.44
C TRP E 61 18.87 -1.74 15.18
N ASP E 62 18.20 -2.88 15.44
CA ASP E 62 18.90 -4.00 16.04
C ASP E 62 19.94 -4.59 15.09
N TYR E 63 19.69 -4.51 13.78
CA TYR E 63 20.66 -4.99 12.81
C TYR E 63 21.90 -4.09 12.78
N VAL E 64 21.70 -2.77 12.87
CA VAL E 64 22.83 -1.85 12.86
C VAL E 64 23.70 -2.05 14.08
N GLU E 65 23.09 -2.25 15.25
CA GLU E 65 23.86 -2.44 16.47
C GLU E 65 24.70 -3.70 16.41
N LYS E 66 24.14 -4.78 15.86
CA LYS E 66 24.93 -6.00 15.69
C LYS E 66 26.02 -5.83 14.64
N ILE E 67 25.79 -4.98 13.65
CA ILE E 67 26.81 -4.73 12.62
C ILE E 67 27.90 -3.82 13.15
N LYS E 68 27.55 -2.88 14.04
CA LYS E 68 28.57 -1.99 14.61
C LYS E 68 29.53 -2.74 15.52
N ALA E 69 29.04 -3.76 16.25
CA ALA E 69 29.90 -4.52 17.14
C ALA E 69 30.93 -5.32 16.35
N SER E 70 30.48 -6.25 15.51
CA SER E 70 31.38 -6.99 14.67
C SER E 70 31.95 -6.09 13.56
N GLY E 71 32.99 -6.59 12.89
CA GLY E 71 33.59 -5.85 11.80
C GLY E 71 33.37 -6.51 10.45
N THR E 72 32.23 -7.19 10.30
CA THR E 72 31.98 -7.95 9.08
C THR E 72 31.43 -7.09 7.96
N LYS E 73 30.66 -6.05 8.27
CA LYS E 73 30.08 -5.17 7.27
C LYS E 73 30.27 -3.72 7.69
N GLU E 74 30.17 -2.81 6.73
CA GLU E 74 30.25 -1.38 6.96
C GLU E 74 28.93 -0.72 6.58
N ILE E 75 28.55 0.28 7.37
CA ILE E 75 27.28 0.99 7.19
C ILE E 75 27.52 2.24 6.36
N CYS E 76 26.63 2.48 5.40
CA CYS E 76 26.70 3.66 4.53
C CYS E 76 25.35 4.35 4.51
N VAL E 77 25.35 5.66 4.74
CA VAL E 77 24.14 6.46 4.76
C VAL E 77 24.21 7.49 3.63
N VAL E 78 23.17 7.53 2.80
CA VAL E 78 23.10 8.47 1.69
C VAL E 78 21.83 9.31 1.83
N ARG E 79 21.74 10.34 1.00
CA ARG E 79 20.63 11.29 1.03
C ARG E 79 20.03 11.40 -0.36
N PHE E 80 18.72 11.19 -0.45
CA PHE E 80 18.00 11.21 -1.72
C PHE E 80 17.30 12.56 -1.91
N THR E 81 17.44 13.11 -3.11
CA THR E 81 16.75 14.33 -3.51
C THR E 81 16.07 14.12 -4.86
N PRO E 82 14.91 14.74 -5.08
CA PRO E 82 14.32 14.72 -6.42
C PRO E 82 15.09 15.64 -7.35
N VAL E 83 15.02 15.33 -8.64
CA VAL E 83 15.94 15.93 -9.61
C VAL E 83 15.34 17.17 -10.28
N THR E 84 14.09 17.07 -10.76
CA THR E 84 13.53 18.11 -11.62
C THR E 84 12.37 18.79 -10.91
N GLU E 85 11.14 18.30 -11.06
CA GLU E 85 9.93 18.92 -10.52
C GLU E 85 8.79 17.94 -10.75
N GLU E 86 8.93 17.12 -11.79
CA GLU E 86 8.07 15.97 -11.98
C GLU E 86 8.30 14.92 -10.92
N ASP E 87 9.49 14.89 -10.31
CA ASP E 87 9.82 13.91 -9.28
C ASP E 87 9.40 14.34 -7.88
N GLN E 88 9.02 15.60 -7.69
CA GLN E 88 8.79 16.11 -6.34
C GLN E 88 7.56 15.48 -5.70
N ILE E 89 6.47 15.34 -6.45
CA ILE E 89 5.22 14.85 -5.88
C ILE E 89 5.37 13.40 -5.43
N SER E 90 5.91 12.55 -6.31
CA SER E 90 6.09 11.14 -5.94
C SER E 90 7.11 10.98 -4.83
N TYR E 91 8.16 11.80 -4.83
CA TYR E 91 9.12 11.79 -3.73
C TYR E 91 8.42 12.07 -2.40
N THR E 92 7.61 13.14 -2.37
CA THR E 92 6.90 13.49 -1.15
C THR E 92 5.92 12.40 -0.75
N LEU E 93 5.27 11.78 -1.74
CA LEU E 93 4.32 10.71 -1.43
C LEU E 93 5.02 9.48 -0.88
N LEU E 94 6.24 9.18 -1.34
CA LEU E 94 6.97 8.03 -0.82
C LEU E 94 7.42 8.28 0.61
N PHE E 95 7.91 9.49 0.90
CA PHE E 95 8.26 9.85 2.27
C PHE E 95 7.04 9.75 3.17
N ALA E 96 5.90 10.26 2.72
CA ALA E 96 4.70 10.26 3.54
C ALA E 96 4.13 8.86 3.73
N TYR E 97 4.28 7.99 2.73
CA TYR E 97 3.79 6.62 2.86
C TYR E 97 4.44 5.92 4.04
N PHE E 98 5.77 6.02 4.14
CA PHE E 98 6.48 5.35 5.23
C PHE E 98 6.36 6.14 6.53
N SER E 99 6.43 7.47 6.46
CA SER E 99 6.39 8.28 7.68
C SER E 99 5.08 8.12 8.42
N SER E 100 3.96 8.19 7.71
CA SER E 100 2.66 8.01 8.34
C SER E 100 2.51 6.61 8.92
N ARG E 101 3.15 5.62 8.30
CA ARG E 101 3.15 4.26 8.81
C ARG E 101 4.25 4.00 9.82
N LYS E 102 5.19 4.93 9.98
CA LYS E 102 6.33 4.78 10.87
C LYS E 102 7.08 3.48 10.60
N ARG E 103 7.38 3.26 9.32
CA ARG E 103 8.11 2.09 8.87
C ARG E 103 9.22 2.53 7.93
N TYR E 104 10.16 1.62 7.69
CA TYR E 104 11.19 1.80 6.68
C TYR E 104 10.87 0.94 5.47
N GLY E 105 11.36 1.38 4.30
CA GLY E 105 11.20 0.61 3.09
C GLY E 105 12.35 -0.35 2.89
N VAL E 106 12.07 -1.47 2.22
CA VAL E 106 13.06 -2.50 1.93
C VAL E 106 13.22 -2.61 0.42
N ALA E 107 14.47 -2.56 -0.04
CA ALA E 107 14.76 -2.70 -1.46
C ALA E 107 14.78 -4.17 -1.84
N ALA E 108 14.03 -4.52 -2.87
CA ALA E 108 13.88 -5.92 -3.29
C ALA E 108 14.94 -6.37 -4.28
N ASN E 109 15.69 -5.46 -4.87
CA ASN E 109 16.67 -5.82 -5.89
C ASN E 109 17.81 -6.64 -5.30
N ASN E 110 18.28 -7.61 -6.08
CA ASN E 110 19.43 -8.42 -5.70
C ASN E 110 20.68 -7.73 -6.25
N LYS E 112 24.83 -6.11 -5.98
CA LYS E 112 26.14 -6.71 -6.17
C LYS E 112 26.82 -6.98 -4.83
N GLN E 113 27.45 -5.95 -4.26
CA GLN E 113 28.02 -6.03 -2.92
C GLN E 113 27.08 -5.44 -1.87
N VAL E 114 25.82 -5.22 -2.23
CA VAL E 114 24.83 -4.65 -1.33
C VAL E 114 24.01 -5.79 -0.74
N LYS E 115 24.05 -5.91 0.58
CA LYS E 115 23.35 -6.98 1.27
C LYS E 115 21.95 -6.57 1.72
N ASP E 116 21.80 -5.35 2.23
CA ASP E 116 20.51 -4.82 2.62
C ASP E 116 20.48 -3.33 2.32
N TYR E 118 17.67 0.10 2.99
CA TYR E 118 16.41 0.56 3.57
C TYR E 118 16.19 2.03 3.27
N LEU E 119 14.92 2.39 3.07
CA LEU E 119 14.50 3.77 2.86
C LEU E 119 13.99 4.32 4.19
N ILE E 120 14.66 5.34 4.72
CA ILE E 120 14.36 5.90 6.02
C ILE E 120 13.73 7.28 5.82
N PRO E 121 12.48 7.48 6.24
CA PRO E 121 11.88 8.82 6.15
C PRO E 121 12.26 9.70 7.33
N LEU E 122 13.18 10.64 7.11
CA LEU E 122 13.63 11.54 8.16
C LEU E 122 12.90 12.87 8.03
N GLY E 123 12.05 13.16 9.02
CA GLY E 123 11.35 14.43 9.03
C GLY E 123 12.28 15.62 9.16
N ALA E 124 11.74 16.79 8.83
CA ALA E 124 12.55 18.01 8.81
C ALA E 124 13.11 18.33 10.19
N THR E 125 12.30 18.18 11.23
CA THR E 125 12.74 18.45 12.60
C THR E 125 12.84 17.18 13.43
N ASP E 126 12.93 16.02 12.78
CA ASP E 126 13.09 14.76 13.49
C ASP E 126 14.45 14.68 14.15
N LYS E 127 14.57 13.75 15.09
CA LYS E 127 15.86 13.40 15.66
C LYS E 127 16.49 12.30 14.81
N ILE E 128 17.76 12.47 14.46
CA ILE E 128 18.45 11.43 13.69
C ILE E 128 18.45 10.13 14.51
N PRO E 129 18.08 8.99 13.92
CA PRO E 129 18.01 7.75 14.70
C PRO E 129 19.30 7.46 15.43
N HIS E 130 19.17 7.02 16.69
CA HIS E 130 20.33 6.85 17.54
C HIS E 130 21.36 5.82 17.05
N PRO E 131 21.00 4.77 16.29
CA PRO E 131 22.05 3.90 15.76
C PRO E 131 22.93 4.57 14.71
N LEU E 132 22.50 5.68 14.10
CA LEU E 132 23.24 6.30 13.03
C LEU E 132 24.17 7.41 13.50
N VAL E 133 23.99 7.93 14.72
CA VAL E 133 24.81 9.02 15.22
C VAL E 133 26.05 8.46 15.90
N PRO E 134 27.23 9.08 15.72
CA PRO E 134 27.38 10.26 14.87
C PRO E 134 27.67 9.90 13.40
N PHE E 135 27.58 10.90 12.52
CA PHE E 135 27.82 10.67 11.10
C PHE E 135 29.31 10.75 10.82
N ASP E 136 29.88 9.68 10.25
CA ASP E 136 31.25 9.70 9.74
C ASP E 136 31.20 10.16 8.29
N GLY E 137 31.04 11.48 8.12
CA GLY E 137 30.93 12.06 6.81
C GLY E 137 30.35 13.46 6.86
N PRO E 138 29.84 13.94 5.72
CA PRO E 138 29.30 15.31 5.68
C PRO E 138 28.12 15.52 6.60
N GLY E 139 27.42 14.46 7.00
CA GLY E 139 26.32 14.62 7.92
C GLY E 139 25.11 15.30 7.28
N LEU E 140 24.28 15.88 8.13
CA LEU E 140 23.07 16.57 7.70
C LEU E 140 22.98 17.93 8.37
N GLU E 141 22.34 18.86 7.68
CA GLU E 141 22.15 20.21 8.19
C GLU E 141 21.09 20.21 9.29
N LEU E 142 21.11 21.28 10.09
CA LEU E 142 20.07 21.46 11.10
C LEU E 142 18.75 21.87 10.45
N HIS E 143 18.79 22.91 9.61
CA HIS E 143 17.63 23.34 8.85
C HIS E 143 17.61 22.55 7.54
N ARG E 144 16.64 21.65 7.42
CA ARG E 144 16.59 20.73 6.29
C ARG E 144 15.13 20.45 5.97
N PRO E 145 14.83 20.05 4.74
CA PRO E 145 13.48 19.60 4.41
C PRO E 145 13.31 18.13 4.80
N ASN E 146 12.10 17.62 4.58
CA ASN E 146 11.86 16.19 4.75
C ASN E 146 12.74 15.41 3.79
N LEU E 147 13.35 14.34 4.29
CA LEU E 147 14.36 13.60 3.53
C LEU E 147 14.05 12.12 3.52
N LEU E 148 14.29 11.50 2.38
CA LEU E 148 14.31 10.04 2.26
C LEU E 148 15.78 9.61 2.30
N LEU E 149 16.17 8.99 3.41
CA LEU E 149 17.54 8.54 3.55
C LEU E 149 17.71 7.13 3.00
N GLY E 150 18.94 6.81 2.62
CA GLY E 150 19.26 5.47 2.16
C GLY E 150 20.29 4.81 3.05
N LEU E 151 19.91 3.68 3.66
CA LEU E 151 20.79 2.93 4.57
C LEU E 151 21.34 1.75 3.79
N ILE E 152 22.61 1.84 3.39
CA ILE E 152 23.25 0.83 2.56
C ILE E 152 24.15 -0.02 3.46
N ILE E 153 23.95 -1.33 3.44
CA ILE E 153 24.79 -2.27 4.17
C ILE E 153 25.59 -3.06 3.14
N ARG E 154 26.90 -2.87 3.13
CA ARG E 154 27.80 -3.52 2.19
C ARG E 154 28.77 -4.43 2.93
N GLN E 155 29.23 -5.46 2.24
CA GLN E 155 30.26 -6.34 2.79
C GLN E 155 31.63 -5.73 2.54
N LYS E 156 32.48 -5.80 3.56
CA LYS E 156 33.83 -5.23 3.50
C LYS E 156 34.65 -5.82 2.35
N ASN F 12 0.95 29.71 15.59
CA ASN F 12 1.43 29.25 16.88
C ASN F 12 0.64 28.03 17.36
N PHE F 13 -0.22 27.52 16.50
CA PHE F 13 -0.98 26.32 16.85
C PHE F 13 -0.14 25.06 16.59
N ILE F 14 -0.51 23.98 17.27
CA ILE F 14 0.25 22.74 17.23
C ILE F 14 -0.39 21.79 16.21
N TRP F 15 -1.71 21.83 16.09
CA TRP F 15 -2.41 20.93 15.19
C TRP F 15 -3.76 21.54 14.85
N LYS F 16 -4.17 21.36 13.58
CA LYS F 16 -5.45 21.82 13.09
C LYS F 16 -6.19 20.64 12.46
N GLY F 17 -7.47 20.50 12.80
CA GLY F 17 -8.25 19.42 12.23
C GLY F 17 -9.64 19.38 12.84
N PHE F 18 -10.35 18.31 12.51
CA PHE F 18 -11.74 18.12 12.93
C PHE F 18 -11.81 17.41 14.27
N ILE F 19 -12.83 17.74 15.04
CA ILE F 19 -13.28 16.94 16.18
C ILE F 19 -14.68 16.49 15.86
N ASN F 20 -14.85 15.17 15.68
CA ASN F 20 -16.09 14.61 15.17
C ASN F 20 -16.71 13.69 16.22
N PRO F 22 -20.19 11.79 16.24
CA PRO F 22 -21.36 11.54 15.38
C PRO F 22 -22.67 11.80 16.11
N SER F 23 -23.60 12.44 15.40
CA SER F 23 -24.92 12.82 15.91
C SER F 23 -24.83 13.74 17.13
N VAL F 24 -23.69 14.40 17.32
CA VAL F 24 -23.52 15.33 18.43
C VAL F 24 -23.03 16.66 17.89
N ALA F 25 -21.76 16.72 17.49
CA ALA F 25 -21.17 17.94 16.97
C ALA F 25 -19.93 17.62 16.16
N LYS F 26 -19.65 18.45 15.17
CA LYS F 26 -18.45 18.33 14.35
C LYS F 26 -17.99 19.72 13.96
N PHE F 27 -16.70 20.00 14.15
CA PHE F 27 -16.18 21.34 13.90
C PHE F 27 -14.69 21.28 13.67
N VAL F 28 -14.17 22.31 13.01
CA VAL F 28 -12.73 22.47 12.79
C VAL F 28 -12.15 23.22 13.99
N THR F 29 -11.05 22.70 14.53
CA THR F 29 -10.46 23.26 15.73
C THR F 29 -8.94 23.34 15.57
N LYS F 30 -8.35 24.24 16.37
CA LYS F 30 -6.91 24.37 16.48
C LYS F 30 -6.47 23.96 17.89
N ALA F 31 -5.24 23.48 18.00
CA ALA F 31 -4.71 22.96 19.26
C ALA F 31 -3.48 23.77 19.65
N TYR F 32 -3.50 24.30 20.87
CA TYR F 32 -2.40 25.07 21.43
C TYR F 32 -1.89 24.39 22.70
N PRO F 33 -0.58 24.47 22.97
CA PRO F 33 -0.02 23.77 24.12
C PRO F 33 -0.43 24.40 25.43
N VAL F 34 -0.54 23.56 26.47
CA VAL F 34 -0.86 24.00 27.81
C VAL F 34 0.20 23.49 28.78
N SER F 35 0.44 22.17 28.74
CA SER F 35 1.49 21.58 29.55
C SER F 35 1.91 20.26 28.91
N GLY F 36 3.06 19.75 29.35
CA GLY F 36 3.67 18.59 28.75
C GLY F 36 4.37 18.92 27.45
N SER F 37 5.15 17.96 26.97
CA SER F 37 5.86 18.12 25.71
C SER F 37 4.96 17.75 24.55
N PRO F 38 4.52 18.73 23.75
CA PRO F 38 3.59 18.44 22.65
C PRO F 38 4.25 18.20 21.29
N GLU F 39 5.55 17.99 21.23
CA GLU F 39 6.17 17.75 19.93
C GLU F 39 5.82 16.36 19.43
N TYR F 40 5.83 16.22 18.10
CA TYR F 40 5.36 15.06 17.35
C TYR F 40 3.85 14.92 17.37
N LEU F 41 3.13 15.92 17.87
CA LEU F 41 1.67 15.85 17.86
C LEU F 41 1.11 16.14 16.48
N THR F 42 1.70 17.09 15.74
CA THR F 42 1.32 17.29 14.35
C THR F 42 1.50 16.01 13.54
N GLU F 43 2.47 15.17 13.93
CA GLU F 43 2.68 13.90 13.27
C GLU F 43 1.60 12.88 13.66
N ASP F 44 1.53 12.54 14.94
CA ASP F 44 0.67 11.46 15.41
C ASP F 44 -0.81 11.82 15.41
N LEU F 45 -1.17 13.06 15.12
CA LEU F 45 -2.62 13.22 15.18
C LEU F 45 -3.25 13.06 13.81
N PRO F 46 -4.43 12.46 13.73
CA PRO F 46 -5.13 12.38 12.45
C PRO F 46 -5.72 13.72 12.05
N ASP F 47 -6.35 13.77 10.87
CA ASP F 47 -7.01 15.01 10.45
C ASP F 47 -8.38 15.19 11.10
N SER F 48 -8.99 14.12 11.59
CA SER F 48 -10.29 14.19 12.24
C SER F 48 -10.26 13.29 13.47
N ILE F 49 -10.49 13.87 14.64
CA ILE F 49 -10.49 13.13 15.90
C ILE F 49 -11.92 12.68 16.17
N GLN F 50 -12.14 11.37 16.15
CA GLN F 50 -13.46 10.79 16.43
C GLN F 50 -13.59 10.54 17.92
N VAL F 51 -14.69 11.00 18.50
CA VAL F 51 -14.97 10.80 19.92
C VAL F 51 -16.02 9.70 20.04
N GLY F 52 -15.64 8.61 20.72
CA GLY F 52 -16.51 7.45 20.80
C GLY F 52 -17.65 7.59 21.78
N GLY F 53 -17.43 8.28 22.90
CA GLY F 53 -18.51 8.45 23.85
C GLY F 53 -18.03 9.03 25.18
N ARG F 54 -18.77 8.69 26.23
CA ARG F 54 -18.58 9.28 27.55
C ARG F 54 -17.58 8.49 28.37
N ILE F 55 -17.22 9.05 29.53
CA ILE F 55 -16.40 8.38 30.54
C ILE F 55 -16.44 9.21 31.81
N SER F 56 -16.24 8.57 32.96
CA SER F 56 -16.27 9.27 34.23
C SER F 56 -14.93 9.95 34.49
N PRO F 57 -14.92 11.22 34.88
CA PRO F 57 -13.64 11.86 35.25
C PRO F 57 -12.90 11.14 36.37
N GLN F 58 -13.63 10.43 37.23
CA GLN F 58 -13.01 9.67 38.30
C GLN F 58 -11.99 8.67 37.75
N THR F 59 -12.38 7.92 36.72
CA THR F 59 -11.46 6.97 36.12
C THR F 59 -10.30 7.65 35.40
N VAL F 60 -10.56 8.82 34.80
CA VAL F 60 -9.52 9.52 34.06
C VAL F 60 -8.50 10.11 35.01
N TRP F 61 -8.94 10.81 36.05
CA TRP F 61 -8.01 11.40 36.99
C TRP F 61 -7.30 10.34 37.81
N ASP F 62 -7.92 9.18 38.00
CA ASP F 62 -7.21 8.05 38.59
C ASP F 62 -6.04 7.63 37.72
N TYR F 63 -6.31 7.35 36.44
CA TYR F 63 -5.25 6.94 35.51
C TYR F 63 -4.15 7.97 35.44
N VAL F 64 -4.50 9.26 35.44
CA VAL F 64 -3.49 10.31 35.33
C VAL F 64 -2.54 10.28 36.52
N GLU F 65 -3.08 10.10 37.73
CA GLU F 65 -2.25 10.14 38.93
C GLU F 65 -1.35 8.92 39.06
N LYS F 66 -1.67 7.81 38.40
CA LYS F 66 -0.77 6.66 38.42
C LYS F 66 0.37 6.81 37.43
N ILE F 67 0.17 7.59 36.37
CA ILE F 67 1.25 7.83 35.41
C ILE F 67 2.20 8.90 35.91
N LYS F 68 1.72 9.82 36.76
CA LYS F 68 2.61 10.84 37.31
C LYS F 68 3.59 10.26 38.32
N ALA F 69 3.28 9.10 38.90
CA ALA F 69 4.23 8.43 39.79
C ALA F 69 5.23 7.61 38.99
N SER F 70 4.75 6.57 38.31
CA SER F 70 5.61 5.74 37.48
C SER F 70 5.96 6.48 36.19
N GLY F 71 7.24 6.76 36.00
CA GLY F 71 7.68 7.39 34.77
C GLY F 71 7.62 6.44 33.59
N THR F 72 6.42 6.04 33.21
CA THR F 72 6.21 5.08 32.13
C THR F 72 5.59 5.69 30.87
N LYS F 73 4.83 6.77 31.01
CA LYS F 73 4.16 7.40 29.87
C LYS F 73 4.18 8.91 30.05
N GLU F 74 4.19 9.63 28.94
CA GLU F 74 4.17 11.08 28.94
C GLU F 74 2.73 11.59 29.04
N ILE F 75 2.59 12.81 29.57
CA ILE F 75 1.30 13.48 29.69
C ILE F 75 1.37 14.77 28.91
N CYS F 76 0.35 15.02 28.09
CA CYS F 76 0.24 16.27 27.35
C CYS F 76 -1.19 16.77 27.43
N VAL F 77 -1.34 18.06 27.68
CA VAL F 77 -2.65 18.71 27.70
C VAL F 77 -2.62 19.87 26.72
N VAL F 78 -3.64 19.94 25.86
CA VAL F 78 -3.72 20.95 24.80
C VAL F 78 -4.99 21.76 24.99
N ARG F 79 -5.09 22.83 24.21
CA ARG F 79 -6.21 23.77 24.28
C ARG F 79 -6.85 23.88 22.91
N PHE F 80 -8.14 23.54 22.82
CA PHE F 80 -8.88 23.55 21.56
C PHE F 80 -9.66 24.85 21.42
N THR F 81 -9.47 25.53 20.29
CA THR F 81 -10.25 26.71 19.95
C THR F 81 -10.89 26.52 18.58
N PRO F 82 -12.11 27.00 18.38
CA PRO F 82 -12.72 26.94 17.06
C PRO F 82 -12.08 27.94 16.11
N VAL F 83 -12.19 27.65 14.82
CA VAL F 83 -11.55 28.47 13.80
C VAL F 83 -12.49 29.54 13.27
N THR F 84 -13.74 29.20 13.00
CA THR F 84 -14.71 30.12 12.43
C THR F 84 -15.92 30.25 13.34
N GLU F 85 -16.80 31.21 13.00
CA GLU F 85 -18.04 31.36 13.75
C GLU F 85 -18.94 30.15 13.58
N GLU F 86 -18.92 29.51 12.41
CA GLU F 86 -19.74 28.33 12.17
C GLU F 86 -19.36 27.21 13.14
N ASP F 87 -18.05 26.98 13.32
CA ASP F 87 -17.58 25.92 14.20
C ASP F 87 -17.72 26.27 15.67
N GLN F 88 -17.77 27.56 16.03
CA GLN F 88 -17.95 27.94 17.42
C GLN F 88 -19.29 27.45 17.96
N ILE F 89 -20.32 27.41 17.10
CA ILE F 89 -21.62 26.91 17.53
C ILE F 89 -21.53 25.45 17.93
N SER F 90 -20.88 24.63 17.09
CA SER F 90 -20.74 23.21 17.40
C SER F 90 -19.72 22.97 18.50
N TYR F 91 -18.70 23.82 18.60
CA TYR F 91 -17.76 23.73 19.72
C TYR F 91 -18.47 23.91 21.05
N THR F 92 -19.38 24.89 21.12
CA THR F 92 -20.15 25.11 22.34
C THR F 92 -21.11 23.96 22.61
N LEU F 93 -21.69 23.40 21.55
CA LEU F 93 -22.56 22.24 21.70
C LEU F 93 -21.81 21.06 22.33
N LEU F 94 -20.55 20.86 21.91
CA LEU F 94 -19.77 19.77 22.47
C LEU F 94 -19.34 20.05 23.91
N PHE F 95 -19.11 21.32 24.25
CA PHE F 95 -18.80 21.66 25.63
C PHE F 95 -20.01 21.43 26.53
N ALA F 96 -21.18 21.87 26.10
CA ALA F 96 -22.39 21.68 26.89
C ALA F 96 -22.72 20.21 27.05
N TYR F 97 -22.45 19.39 26.03
CA TYR F 97 -22.74 17.97 26.11
C TYR F 97 -22.01 17.31 27.27
N PHE F 98 -20.72 17.59 27.42
CA PHE F 98 -19.91 16.96 28.45
C PHE F 98 -19.98 17.69 29.79
N SER F 99 -20.19 19.01 29.78
CA SER F 99 -20.31 19.74 31.03
C SER F 99 -21.63 19.44 31.73
N SER F 100 -22.71 19.27 30.96
CA SER F 100 -24.01 19.02 31.57
C SER F 100 -24.08 17.64 32.21
N ARG F 101 -23.33 16.67 31.68
CA ARG F 101 -23.32 15.31 32.21
C ARG F 101 -22.11 15.04 33.09
N LYS F 102 -21.23 16.01 33.29
CA LYS F 102 -19.98 15.83 34.04
C LYS F 102 -19.20 14.63 33.51
N ARG F 103 -19.01 14.61 32.20
CA ARG F 103 -18.31 13.52 31.53
C ARG F 103 -17.16 14.08 30.71
N TYR F 104 -16.22 13.20 30.38
CA TYR F 104 -15.12 13.50 29.48
C TYR F 104 -15.29 12.68 28.20
N GLY F 105 -14.78 13.21 27.10
CA GLY F 105 -14.82 12.49 25.85
C GLY F 105 -13.69 11.48 25.73
N VAL F 106 -13.91 10.47 24.90
CA VAL F 106 -12.91 9.45 24.63
C VAL F 106 -12.71 9.35 23.13
N ALA F 107 -11.45 9.42 22.71
CA ALA F 107 -11.12 9.34 21.28
C ALA F 107 -11.06 7.88 20.85
N ALA F 108 -11.81 7.55 19.81
CA ALA F 108 -11.90 6.18 19.32
C ALA F 108 -10.85 5.83 18.28
N ASN F 109 -10.11 6.81 17.76
CA ASN F 109 -9.10 6.54 16.75
C ASN F 109 -7.98 5.68 17.32
N ASN F 110 -7.37 4.89 16.44
CA ASN F 110 -6.22 4.06 16.80
C ASN F 110 -4.99 4.75 16.23
N LYS F 112 -0.90 5.89 16.35
CA LYS F 112 0.24 4.97 16.42
C LYS F 112 1.09 5.19 17.67
N GLN F 113 1.22 6.42 18.13
CA GLN F 113 1.91 6.69 19.39
C GLN F 113 1.02 7.29 20.47
N VAL F 114 -0.20 7.71 20.13
CA VAL F 114 -1.14 8.22 21.12
C VAL F 114 -1.86 7.03 21.74
N LYS F 115 -1.51 6.69 22.98
CA LYS F 115 -2.11 5.54 23.63
C LYS F 115 -3.55 5.84 24.06
N ASP F 116 -3.80 7.05 24.56
CA ASP F 116 -5.13 7.44 25.01
C ASP F 116 -5.31 8.93 24.78
N TYR F 118 -8.47 12.18 25.82
CA TYR F 118 -9.75 12.56 26.40
C TYR F 118 -10.01 14.04 26.19
N LEU F 119 -11.29 14.38 26.06
CA LEU F 119 -11.75 15.76 26.00
C LEU F 119 -12.28 16.16 27.37
N ILE F 120 -11.72 17.22 27.94
CA ILE F 120 -12.09 17.69 29.27
C ILE F 120 -12.74 19.06 29.13
N PRO F 121 -14.04 19.19 29.42
CA PRO F 121 -14.65 20.52 29.44
C PRO F 121 -14.20 21.28 30.69
N LEU F 122 -13.76 22.52 30.47
CA LEU F 122 -13.26 23.37 31.55
C LEU F 122 -14.03 24.68 31.54
N GLY F 123 -14.86 24.90 32.56
CA GLY F 123 -15.63 26.12 32.62
C GLY F 123 -14.77 27.37 32.76
N ALA F 124 -15.36 28.50 32.41
CA ALA F 124 -14.64 29.77 32.46
C ALA F 124 -14.23 30.12 33.89
N THR F 125 -15.10 29.81 34.86
CA THR F 125 -14.83 30.09 36.26
C THR F 125 -14.39 28.86 37.04
N ASP F 126 -14.40 27.67 36.42
CA ASP F 126 -14.05 26.45 37.11
C ASP F 126 -12.59 26.46 37.54
N LYS F 127 -12.27 25.60 38.50
CA LYS F 127 -10.91 25.42 38.95
C LYS F 127 -10.23 24.36 38.10
N ILE F 128 -8.93 24.54 37.85
CA ILE F 128 -8.18 23.55 37.10
C ILE F 128 -8.18 22.24 37.89
N PRO F 129 -8.51 21.10 37.28
CA PRO F 129 -8.56 19.85 38.02
C PRO F 129 -7.21 19.53 38.67
N HIS F 130 -7.29 18.94 39.87
CA HIS F 130 -6.17 18.63 40.76
C HIS F 130 -4.98 18.03 40.00
N PRO F 131 -5.14 16.91 39.27
CA PRO F 131 -3.95 16.20 38.77
C PRO F 131 -3.17 16.93 37.68
N LEU F 132 -3.50 18.21 37.41
CA LEU F 132 -2.79 18.97 36.39
C LEU F 132 -2.37 20.36 36.85
N VAL F 133 -2.51 20.68 38.14
CA VAL F 133 -2.42 22.08 38.57
C VAL F 133 -1.07 22.71 38.24
N PRO F 134 0.10 22.03 38.36
CA PRO F 134 1.32 22.75 37.96
C PRO F 134 1.66 22.48 36.50
N PHE F 135 1.04 23.25 35.62
CA PHE F 135 1.27 23.11 34.18
C PHE F 135 2.75 23.36 33.86
N ASP F 136 3.42 22.32 33.37
CA ASP F 136 4.76 22.50 32.80
C ASP F 136 4.56 23.00 31.37
N GLY F 137 4.47 24.31 31.24
CA GLY F 137 4.25 24.93 29.96
C GLY F 137 3.57 26.28 30.10
N PRO F 138 2.92 26.74 29.02
CA PRO F 138 2.27 28.06 29.07
C PRO F 138 1.12 28.13 30.05
N GLY F 139 0.52 27.00 30.41
CA GLY F 139 -0.63 27.05 31.29
C GLY F 139 -1.84 27.63 30.58
N LEU F 140 -2.77 28.13 31.38
CA LEU F 140 -3.98 28.76 30.89
C LEU F 140 -4.09 30.18 31.42
N GLU F 141 -4.81 31.01 30.68
CA GLU F 141 -5.10 32.35 31.14
C GLU F 141 -6.00 32.31 32.36
N LEU F 142 -5.96 33.40 33.13
CA LEU F 142 -6.89 33.53 34.25
C LEU F 142 -8.28 33.87 33.77
N HIS F 143 -8.41 34.92 32.95
CA HIS F 143 -9.68 35.28 32.34
C HIS F 143 -9.78 34.53 31.01
N ARG F 144 -10.60 33.49 31.00
CA ARG F 144 -10.72 32.59 29.86
C ARG F 144 -12.19 32.29 29.61
N PRO F 145 -12.55 31.87 28.41
CA PRO F 145 -13.91 31.36 28.17
C PRO F 145 -14.02 29.88 28.47
N ASN F 146 -15.19 29.29 28.27
CA ASN F 146 -15.32 27.85 28.35
C ASN F 146 -14.43 27.20 27.31
N LEU F 147 -13.66 26.20 27.73
CA LEU F 147 -12.68 25.58 26.85
C LEU F 147 -12.78 24.06 26.92
N LEU F 148 -12.61 23.42 25.76
CA LEU F 148 -12.48 21.97 25.67
C LEU F 148 -10.99 21.65 25.63
N LEU F 149 -10.49 21.02 26.69
CA LEU F 149 -9.09 20.65 26.76
C LEU F 149 -8.89 19.24 26.22
N GLY F 150 -7.66 18.97 25.80
CA GLY F 150 -7.32 17.64 25.31
C GLY F 150 -6.23 17.00 26.15
N LEU F 151 -6.52 15.84 26.73
CA LEU F 151 -5.57 15.09 27.54
C LEU F 151 -5.02 13.95 26.70
N ILE F 152 -3.74 14.01 26.35
CA ILE F 152 -3.12 13.08 25.41
C ILE F 152 -2.04 12.30 26.17
N ILE F 153 -2.26 10.99 26.30
CA ILE F 153 -1.30 10.10 26.95
C ILE F 153 -0.54 9.34 25.87
N ARG F 154 0.78 9.45 25.91
CA ARG F 154 1.66 8.73 24.98
C ARG F 154 2.79 8.09 25.77
N GLN F 155 3.45 7.12 25.14
CA GLN F 155 4.69 6.58 25.67
C GLN F 155 5.87 7.40 25.18
N LYS F 156 6.93 7.41 25.97
CA LYS F 156 8.10 8.23 25.68
C LYS F 156 8.81 7.77 24.41
N ASN G 12 -16.37 -29.30 -6.85
CA ASN G 12 -15.36 -28.37 -6.40
C ASN G 12 -15.74 -26.93 -6.75
N PHE G 13 -15.57 -26.02 -5.79
CA PHE G 13 -16.00 -24.64 -5.94
C PHE G 13 -14.81 -23.73 -6.23
N ILE G 14 -15.13 -22.49 -6.60
CA ILE G 14 -14.13 -21.50 -6.97
C ILE G 14 -13.86 -20.52 -5.83
N TRP G 15 -14.93 -20.05 -5.17
CA TRP G 15 -14.79 -19.00 -4.17
C TRP G 15 -15.84 -19.22 -3.09
N LYS G 16 -15.47 -18.89 -1.85
CA LYS G 16 -16.35 -19.07 -0.70
C LYS G 16 -16.23 -17.82 0.17
N GLY G 17 -17.36 -17.16 0.41
CA GLY G 17 -17.33 -15.95 1.20
C GLY G 17 -18.72 -15.36 1.35
N PHE G 18 -18.76 -14.21 2.02
CA PHE G 18 -20.01 -13.53 2.29
C PHE G 18 -20.48 -12.73 1.08
N ILE G 19 -21.79 -12.73 0.85
CA ILE G 19 -22.46 -11.73 0.04
C ILE G 19 -23.30 -10.90 0.99
N ASN G 20 -22.93 -9.63 1.16
CA ASN G 20 -23.52 -8.77 2.17
C ASN G 20 -24.23 -7.62 1.47
N PRO G 22 -26.19 -4.62 2.79
CA PRO G 22 -26.63 -3.89 3.98
C PRO G 22 -28.09 -3.48 3.85
N SER G 23 -28.83 -3.65 4.94
CA SER G 23 -30.26 -3.34 5.08
C SER G 23 -31.16 -4.35 4.38
N VAL G 24 -30.62 -5.46 3.88
CA VAL G 24 -31.44 -6.52 3.29
C VAL G 24 -31.07 -7.86 3.90
N ALA G 25 -30.01 -8.49 3.39
CA ALA G 25 -29.63 -9.81 3.86
C ALA G 25 -28.14 -10.00 3.69
N LYS G 26 -27.62 -11.05 4.33
CA LYS G 26 -26.21 -11.39 4.28
C LYS G 26 -26.07 -12.87 4.60
N PHE G 27 -25.20 -13.55 3.85
CA PHE G 27 -25.10 -15.00 3.94
C PHE G 27 -23.74 -15.46 3.42
N VAL G 28 -23.35 -16.65 3.83
CA VAL G 28 -22.17 -17.32 3.31
C VAL G 28 -22.57 -18.16 2.11
N THR G 29 -21.82 -18.05 1.01
CA THR G 29 -22.17 -18.73 -0.22
C THR G 29 -20.91 -19.26 -0.91
N LYS G 30 -21.13 -20.16 -1.86
CA LYS G 30 -20.07 -20.74 -2.67
C LYS G 30 -20.37 -20.47 -4.15
N ALA G 31 -19.33 -20.19 -4.92
CA ALA G 31 -19.45 -19.88 -6.33
C ALA G 31 -18.96 -21.05 -7.17
N TYR G 32 -19.73 -21.43 -8.18
CA TYR G 32 -19.40 -22.50 -9.10
C TYR G 32 -19.38 -21.99 -10.53
N PRO G 33 -18.56 -22.57 -11.40
CA PRO G 33 -18.39 -22.01 -12.74
C PRO G 33 -19.59 -22.27 -13.64
N VAL G 34 -19.87 -21.30 -14.51
CA VAL G 34 -20.92 -21.42 -15.52
C VAL G 34 -20.35 -21.15 -16.92
N SER G 35 -19.71 -20.00 -17.10
CA SER G 35 -19.15 -19.63 -18.39
C SER G 35 -17.91 -18.79 -18.19
N GLY G 36 -17.03 -18.82 -19.19
CA GLY G 36 -15.80 -18.05 -19.17
C GLY G 36 -14.75 -18.67 -18.26
N SER G 37 -13.55 -18.11 -18.34
CA SER G 37 -12.44 -18.57 -17.52
C SER G 37 -12.60 -18.06 -16.10
N PRO G 38 -12.69 -18.93 -15.09
CA PRO G 38 -12.83 -18.45 -13.72
C PRO G 38 -11.52 -18.49 -12.95
N GLU G 39 -10.40 -18.48 -13.67
CA GLU G 39 -9.10 -18.51 -13.02
C GLU G 39 -8.88 -17.25 -12.20
N TYR G 40 -7.96 -17.34 -11.23
CA TYR G 40 -7.58 -16.24 -10.35
C TYR G 40 -8.67 -15.86 -9.36
N LEU G 41 -9.94 -15.96 -9.77
CA LEU G 41 -11.09 -15.46 -8.99
C LEU G 41 -11.02 -15.80 -7.50
N THR G 42 -10.46 -16.97 -7.17
CA THR G 42 -10.27 -17.31 -5.75
C THR G 42 -9.39 -16.29 -5.05
N GLU G 43 -8.44 -15.69 -5.77
CA GLU G 43 -7.47 -14.76 -5.21
C GLU G 43 -7.93 -13.31 -5.27
N ASP G 44 -8.55 -12.89 -6.37
CA ASP G 44 -8.85 -11.48 -6.59
C ASP G 44 -10.13 -11.03 -5.90
N LEU G 45 -11.05 -11.95 -5.61
CA LEU G 45 -12.26 -11.56 -4.89
C LEU G 45 -11.96 -11.46 -3.40
N PRO G 46 -12.58 -10.52 -2.71
CA PRO G 46 -12.39 -10.39 -1.26
C PRO G 46 -13.20 -11.44 -0.52
N ASP G 47 -13.08 -11.43 0.81
CA ASP G 47 -13.84 -12.36 1.63
C ASP G 47 -15.31 -12.00 1.71
N SER G 48 -15.67 -10.75 1.48
CA SER G 48 -17.06 -10.32 1.54
C SER G 48 -17.36 -9.42 0.34
N ILE G 49 -18.48 -9.68 -0.31
CA ILE G 49 -18.93 -8.90 -1.46
C ILE G 49 -20.14 -8.09 -1.03
N GLN G 50 -19.97 -6.77 -0.97
CA GLN G 50 -21.01 -5.86 -0.49
C GLN G 50 -21.78 -5.32 -1.68
N VAL G 51 -23.07 -5.67 -1.77
CA VAL G 51 -23.91 -5.22 -2.87
C VAL G 51 -24.38 -3.80 -2.57
N GLY G 52 -24.03 -2.86 -3.45
CA GLY G 52 -24.29 -1.45 -3.19
C GLY G 52 -25.66 -0.96 -3.60
N GLY G 53 -26.33 -1.65 -4.50
CA GLY G 53 -27.65 -1.22 -4.93
C GLY G 53 -28.07 -1.94 -6.19
N ARG G 54 -29.11 -1.39 -6.83
CA ARG G 54 -29.76 -2.00 -7.98
C ARG G 54 -29.37 -1.28 -9.26
N ILE G 55 -29.48 -2.00 -10.38
CA ILE G 55 -29.20 -1.47 -11.71
C ILE G 55 -30.16 -2.12 -12.69
N SER G 56 -30.44 -1.43 -13.78
CA SER G 56 -31.35 -1.97 -14.78
C SER G 56 -30.61 -3.00 -15.64
N PRO G 57 -31.25 -4.14 -15.93
CA PRO G 57 -30.57 -5.17 -16.74
C PRO G 57 -30.22 -4.71 -18.14
N GLN G 58 -31.02 -3.83 -18.74
CA GLN G 58 -30.71 -3.33 -20.07
C GLN G 58 -29.37 -2.63 -20.10
N THR G 59 -29.08 -1.81 -19.09
CA THR G 59 -27.77 -1.17 -18.99
C THR G 59 -26.66 -2.21 -18.89
N VAL G 60 -26.89 -3.27 -18.12
CA VAL G 60 -25.88 -4.33 -17.99
C VAL G 60 -25.67 -5.02 -19.33
N TRP G 61 -26.76 -5.33 -20.03
CA TRP G 61 -26.63 -6.03 -21.31
C TRP G 61 -26.05 -5.12 -22.38
N ASP G 62 -26.54 -3.87 -22.46
CA ASP G 62 -25.95 -2.90 -23.37
C ASP G 62 -24.46 -2.74 -23.11
N TYR G 63 -24.01 -3.01 -21.89
CA TYR G 63 -22.59 -3.01 -21.57
C TYR G 63 -21.89 -4.23 -22.14
N VAL G 64 -22.23 -5.43 -21.63
CA VAL G 64 -21.48 -6.63 -21.97
C VAL G 64 -21.51 -6.94 -23.46
N GLU G 65 -22.49 -6.42 -24.21
CA GLU G 65 -22.46 -6.57 -25.66
C GLU G 65 -21.40 -5.69 -26.29
N LYS G 66 -20.89 -4.69 -25.55
CA LYS G 66 -19.78 -3.89 -26.05
C LYS G 66 -18.45 -4.60 -25.82
N ILE G 67 -18.29 -5.25 -24.66
CA ILE G 67 -17.03 -5.95 -24.38
C ILE G 67 -16.91 -7.21 -25.22
N LYS G 68 -18.03 -7.90 -25.46
CA LYS G 68 -18.00 -9.08 -26.31
C LYS G 68 -17.57 -8.73 -27.73
N ALA G 69 -17.86 -7.51 -28.18
CA ALA G 69 -17.35 -7.02 -29.44
C ALA G 69 -15.97 -6.41 -29.31
N SER G 70 -15.67 -5.78 -28.17
CA SER G 70 -14.35 -5.20 -27.96
C SER G 70 -13.30 -6.29 -27.77
N GLY G 71 -13.63 -7.34 -27.02
CA GLY G 71 -12.67 -8.36 -26.67
C GLY G 71 -11.57 -7.89 -25.74
N THR G 72 -11.58 -6.63 -25.33
CA THR G 72 -10.50 -6.11 -24.48
C THR G 72 -10.54 -6.73 -23.09
N LYS G 73 -11.72 -6.97 -22.55
CA LYS G 73 -11.88 -7.54 -21.22
C LYS G 73 -12.60 -8.87 -21.31
N GLU G 74 -12.45 -9.68 -20.26
CA GLU G 74 -13.02 -11.00 -20.18
C GLU G 74 -14.29 -10.99 -19.34
N ILE G 75 -15.29 -11.74 -19.77
CA ILE G 75 -16.55 -11.89 -19.05
C ILE G 75 -16.55 -13.25 -18.37
N CYS G 76 -17.06 -13.31 -17.14
CA CYS G 76 -17.12 -14.55 -16.39
C CYS G 76 -18.50 -14.68 -15.75
N VAL G 77 -19.00 -15.90 -15.69
CA VAL G 77 -20.31 -16.20 -15.11
C VAL G 77 -20.14 -17.28 -14.06
N VAL G 78 -20.66 -17.04 -12.86
CA VAL G 78 -20.61 -17.99 -11.76
C VAL G 78 -22.03 -18.20 -11.23
N ARG G 79 -22.16 -19.19 -10.35
CA ARG G 79 -23.44 -19.55 -9.77
C ARG G 79 -23.26 -19.71 -8.27
N PHE G 80 -24.00 -18.91 -7.49
CA PHE G 80 -23.90 -18.95 -6.03
C PHE G 80 -24.86 -19.98 -5.46
N THR G 81 -24.40 -20.68 -4.43
CA THR G 81 -25.23 -21.60 -3.68
C THR G 81 -24.99 -21.40 -2.19
N PRO G 82 -26.06 -21.37 -1.38
CA PRO G 82 -25.87 -21.20 0.06
C PRO G 82 -25.18 -22.41 0.68
N VAL G 83 -24.34 -22.15 1.67
CA VAL G 83 -23.57 -23.22 2.30
C VAL G 83 -24.43 -23.98 3.30
N THR G 84 -25.10 -23.26 4.20
CA THR G 84 -25.90 -23.86 5.26
C THR G 84 -27.38 -23.51 5.06
N GLU G 85 -28.21 -23.99 5.99
CA GLU G 85 -29.63 -23.69 5.94
C GLU G 85 -29.91 -22.25 6.35
N GLU G 86 -29.18 -21.75 7.35
CA GLU G 86 -29.32 -20.35 7.73
C GLU G 86 -28.95 -19.42 6.59
N ASP G 87 -27.90 -19.78 5.84
CA ASP G 87 -27.52 -19.00 4.67
C ASP G 87 -28.55 -19.11 3.56
N GLN G 88 -29.45 -20.09 3.61
CA GLN G 88 -30.44 -20.26 2.56
C GLN G 88 -31.61 -19.29 2.70
N ILE G 89 -31.98 -18.93 3.94
CA ILE G 89 -33.06 -17.98 4.13
C ILE G 89 -32.67 -16.60 3.61
N SER G 90 -31.43 -16.20 3.84
CA SER G 90 -30.97 -14.90 3.34
C SER G 90 -30.69 -14.96 1.83
N TYR G 91 -30.20 -16.09 1.34
CA TYR G 91 -30.02 -16.27 -0.10
C TYR G 91 -31.36 -16.12 -0.82
N THR G 92 -32.41 -16.75 -0.29
CA THR G 92 -33.72 -16.67 -0.93
C THR G 92 -34.27 -15.26 -0.88
N LEU G 93 -34.10 -14.56 0.24
CA LEU G 93 -34.60 -13.19 0.35
C LEU G 93 -33.87 -12.25 -0.61
N LEU G 94 -32.56 -12.43 -0.76
CA LEU G 94 -31.82 -11.60 -1.72
C LEU G 94 -32.26 -11.90 -3.15
N PHE G 95 -32.60 -13.15 -3.45
CA PHE G 95 -33.18 -13.48 -4.74
C PHE G 95 -34.54 -12.80 -4.90
N ALA G 96 -35.42 -12.95 -3.90
CA ALA G 96 -36.74 -12.34 -3.97
C ALA G 96 -36.65 -10.82 -4.06
N TYR G 97 -35.60 -10.22 -3.51
CA TYR G 97 -35.42 -8.79 -3.62
C TYR G 97 -35.24 -8.37 -5.08
N PHE G 98 -34.18 -8.88 -5.72
CA PHE G 98 -33.87 -8.47 -7.08
C PHE G 98 -34.82 -9.07 -8.11
N SER G 99 -35.56 -10.12 -7.76
CA SER G 99 -36.49 -10.72 -8.70
C SER G 99 -37.78 -9.92 -8.82
N SER G 100 -38.31 -9.45 -7.70
CA SER G 100 -39.58 -8.73 -7.71
C SER G 100 -39.47 -7.34 -8.32
N ARG G 101 -38.25 -6.80 -8.44
CA ARG G 101 -38.04 -5.47 -9.02
C ARG G 101 -37.51 -5.51 -10.44
N LYS G 102 -37.19 -6.71 -10.98
CA LYS G 102 -36.64 -6.86 -12.32
C LYS G 102 -35.36 -6.04 -12.48
N ARG G 103 -34.47 -6.16 -11.50
CA ARG G 103 -33.21 -5.44 -11.47
C ARG G 103 -32.08 -6.43 -11.17
N TYR G 104 -30.85 -5.94 -11.29
CA TYR G 104 -29.65 -6.67 -10.92
C TYR G 104 -28.97 -6.00 -9.73
N GLY G 105 -28.01 -6.70 -9.15
CA GLY G 105 -27.25 -6.18 -8.02
C GLY G 105 -25.88 -5.70 -8.46
N VAL G 106 -25.41 -4.63 -7.83
CA VAL G 106 -24.12 -4.02 -8.14
C VAL G 106 -23.19 -4.27 -6.97
N ALA G 107 -21.99 -4.78 -7.26
CA ALA G 107 -20.96 -4.97 -6.25
C ALA G 107 -20.21 -3.67 -6.06
N ALA G 108 -20.34 -3.07 -4.87
CA ALA G 108 -19.72 -1.79 -4.56
C ALA G 108 -18.26 -1.91 -4.14
N ASN G 109 -17.69 -3.10 -4.20
CA ASN G 109 -16.31 -3.30 -3.78
C ASN G 109 -15.35 -2.89 -4.89
N ASN G 110 -14.29 -2.18 -4.51
CA ASN G 110 -13.21 -1.83 -5.42
C ASN G 110 -12.21 -2.98 -5.40
N LYS G 112 -9.19 -5.07 -7.63
CA LYS G 112 -8.19 -4.57 -8.57
C LYS G 112 -8.11 -5.36 -9.87
N GLN G 113 -8.60 -6.60 -9.90
CA GLN G 113 -8.58 -7.38 -11.13
C GLN G 113 -9.98 -7.66 -11.67
N VAL G 114 -11.00 -6.99 -11.13
CA VAL G 114 -12.33 -7.00 -11.71
C VAL G 114 -12.73 -5.55 -12.00
N LYS G 115 -13.47 -5.37 -13.09
CA LYS G 115 -13.99 -4.05 -13.43
C LYS G 115 -15.36 -3.82 -12.80
N ASP G 116 -16.30 -4.72 -13.07
CA ASP G 116 -17.63 -4.66 -12.49
C ASP G 116 -18.13 -6.06 -12.23
N TYR G 118 -21.90 -8.10 -11.17
CA TYR G 118 -23.35 -7.97 -11.04
C TYR G 118 -23.98 -9.25 -10.51
N LEU G 119 -25.04 -9.08 -9.73
CA LEU G 119 -25.77 -10.18 -9.11
C LEU G 119 -27.11 -10.32 -9.82
N ILE G 120 -27.26 -11.40 -10.58
CA ILE G 120 -28.42 -11.62 -11.43
C ILE G 120 -29.31 -12.68 -10.79
N PRO G 121 -30.58 -12.38 -10.52
CA PRO G 121 -31.52 -13.43 -10.13
C PRO G 121 -32.04 -14.17 -11.37
N LEU G 122 -32.03 -15.49 -11.30
CA LEU G 122 -32.47 -16.34 -12.42
C LEU G 122 -33.55 -17.27 -11.91
N GLY G 123 -34.77 -17.09 -12.40
CA GLY G 123 -35.86 -17.94 -11.99
C GLY G 123 -35.63 -19.40 -12.38
N ALA G 124 -36.31 -20.28 -11.65
CA ALA G 124 -36.23 -21.71 -11.97
C ALA G 124 -36.78 -21.99 -13.35
N THR G 125 -37.85 -21.29 -13.73
CA THR G 125 -38.50 -21.51 -15.01
C THR G 125 -38.01 -20.56 -16.09
N ASP G 126 -37.40 -19.44 -15.72
CA ASP G 126 -37.20 -18.34 -16.66
C ASP G 126 -36.18 -18.71 -17.72
N LYS G 127 -36.33 -18.10 -18.89
CA LYS G 127 -35.32 -18.20 -19.92
C LYS G 127 -34.03 -17.56 -19.41
N ILE G 128 -32.91 -18.22 -19.71
CA ILE G 128 -31.61 -17.57 -19.45
C ILE G 128 -31.50 -16.35 -20.37
N PRO G 129 -31.08 -15.18 -19.85
CA PRO G 129 -31.11 -13.96 -20.66
C PRO G 129 -30.43 -14.08 -22.02
N HIS G 130 -30.75 -13.17 -22.93
CA HIS G 130 -30.21 -13.25 -24.29
C HIS G 130 -28.68 -13.17 -24.34
N PRO G 131 -28.01 -12.21 -23.72
CA PRO G 131 -26.58 -12.00 -24.04
C PRO G 131 -25.63 -13.05 -23.47
N LEU G 132 -26.00 -13.82 -22.44
CA LEU G 132 -25.07 -14.83 -21.94
C LEU G 132 -25.14 -16.12 -22.75
N VAL G 133 -26.29 -16.44 -23.33
CA VAL G 133 -26.39 -17.65 -24.16
C VAL G 133 -25.55 -17.44 -25.41
N PRO G 134 -24.75 -18.44 -25.85
CA PRO G 134 -24.58 -19.72 -25.16
C PRO G 134 -23.46 -19.68 -24.13
N PHE G 135 -23.47 -20.66 -23.23
CA PHE G 135 -22.47 -20.70 -22.17
C PHE G 135 -21.16 -21.31 -22.67
N ASP G 136 -20.05 -20.79 -22.17
CA ASP G 136 -18.71 -21.30 -22.47
C ASP G 136 -18.23 -22.03 -21.21
N GLY G 137 -18.75 -23.22 -20.99
CA GLY G 137 -18.37 -24.01 -19.85
C GLY G 137 -19.45 -24.96 -19.38
N PRO G 138 -19.46 -25.26 -18.08
CA PRO G 138 -20.43 -26.24 -17.56
C PRO G 138 -21.88 -25.83 -17.76
N GLY G 139 -22.18 -24.53 -17.84
CA GLY G 139 -23.54 -24.13 -18.08
C GLY G 139 -24.45 -24.35 -16.87
N LEU G 140 -25.74 -24.45 -17.17
CA LEU G 140 -26.76 -24.66 -16.15
C LEU G 140 -27.74 -25.73 -16.64
N GLU G 141 -28.10 -26.64 -15.75
CA GLU G 141 -29.05 -27.69 -16.09
C GLU G 141 -30.45 -27.10 -16.22
N LEU G 142 -31.35 -27.90 -16.81
CA LEU G 142 -32.70 -27.43 -17.09
C LEU G 142 -33.56 -27.40 -15.83
N HIS G 143 -33.49 -28.45 -15.01
CA HIS G 143 -34.24 -28.49 -13.75
C HIS G 143 -33.34 -27.91 -12.66
N ARG G 144 -33.52 -26.63 -12.37
CA ARG G 144 -32.70 -25.89 -11.44
C ARG G 144 -33.58 -25.06 -10.52
N PRO G 145 -33.12 -24.81 -9.29
CA PRO G 145 -33.87 -23.94 -8.37
C PRO G 145 -33.64 -22.48 -8.73
N ASN G 146 -34.30 -21.60 -7.97
CA ASN G 146 -34.07 -20.17 -8.12
C ASN G 146 -32.62 -19.85 -7.79
N LEU G 147 -31.93 -19.18 -8.71
CA LEU G 147 -30.49 -19.01 -8.62
C LEU G 147 -30.11 -17.53 -8.57
N LEU G 148 -29.01 -17.26 -7.87
CA LEU G 148 -28.34 -15.97 -7.89
C LEU G 148 -27.03 -16.15 -8.64
N LEU G 149 -26.94 -15.58 -9.84
CA LEU G 149 -25.76 -15.71 -10.67
C LEU G 149 -24.85 -14.51 -10.49
N GLY G 150 -23.57 -14.72 -10.79
CA GLY G 150 -22.59 -13.66 -10.69
C GLY G 150 -21.89 -13.37 -12.00
N LEU G 151 -22.11 -12.17 -12.53
CA LEU G 151 -21.48 -11.73 -13.76
C LEU G 151 -20.26 -10.87 -13.42
N ILE G 152 -19.08 -11.32 -13.82
CA ILE G 152 -17.82 -10.68 -13.47
C ILE G 152 -17.13 -10.23 -14.76
N ILE G 153 -16.88 -8.93 -14.85
CA ILE G 153 -16.19 -8.33 -16.00
C ILE G 153 -14.76 -8.01 -15.60
N ARG G 154 -13.80 -8.54 -16.35
CA ARG G 154 -12.39 -8.36 -16.02
C ARG G 154 -11.60 -7.82 -17.21
N ASN H 12 11.51 -40.78 -30.04
CA ASN H 12 12.35 -39.86 -29.29
C ASN H 12 11.88 -38.42 -29.54
N PHE H 13 11.65 -37.70 -28.44
CA PHE H 13 11.19 -36.32 -28.47
C PHE H 13 12.34 -35.36 -28.73
N ILE H 14 12.01 -34.21 -29.32
CA ILE H 14 13.01 -33.17 -29.55
C ILE H 14 13.21 -32.31 -28.31
N TRP H 15 12.17 -32.13 -27.50
CA TRP H 15 12.22 -31.12 -26.46
C TRP H 15 11.17 -31.44 -25.39
N LYS H 16 11.56 -31.27 -24.14
CA LYS H 16 10.65 -31.38 -23.00
C LYS H 16 10.73 -30.08 -22.21
N GLY H 17 9.57 -29.50 -21.90
CA GLY H 17 9.57 -28.26 -21.16
C GLY H 17 8.15 -27.78 -20.91
N PHE H 18 8.07 -26.54 -20.43
CA PHE H 18 6.80 -25.94 -20.04
C PHE H 18 6.21 -25.14 -21.18
N ILE H 19 4.91 -25.26 -21.36
CA ILE H 19 4.11 -24.31 -22.14
C ILE H 19 3.21 -23.60 -21.13
N ASN H 20 3.48 -22.33 -20.88
CA ASN H 20 2.83 -21.58 -19.82
C ASN H 20 2.13 -20.37 -20.41
N PRO H 22 -0.03 -17.47 -18.95
CA PRO H 22 -0.49 -16.89 -17.68
C PRO H 22 -1.99 -16.65 -17.67
N SER H 23 -2.62 -17.01 -16.56
CA SER H 23 -4.05 -16.90 -16.28
C SER H 23 -4.89 -17.91 -17.05
N VAL H 24 -4.29 -18.78 -17.85
CA VAL H 24 -5.06 -19.76 -18.61
C VAL H 24 -4.66 -21.17 -18.21
N ALA H 25 -3.46 -21.60 -18.59
CA ALA H 25 -3.03 -22.95 -18.30
C ALA H 25 -1.51 -23.03 -18.36
N LYS H 26 -0.95 -23.96 -17.60
CA LYS H 26 0.49 -24.20 -17.55
C LYS H 26 0.72 -25.69 -17.35
N PHE H 27 1.60 -26.27 -18.15
CA PHE H 27 1.79 -27.72 -18.12
C PHE H 27 3.13 -28.07 -18.78
N VAL H 28 3.64 -29.25 -18.42
CA VAL H 28 4.84 -29.80 -19.02
C VAL H 28 4.45 -30.60 -20.25
N THR H 29 5.30 -30.57 -21.27
CA THR H 29 4.99 -31.22 -22.53
C THR H 29 6.26 -31.73 -23.19
N LYS H 30 6.10 -32.70 -24.08
CA LYS H 30 7.17 -33.20 -24.93
C LYS H 30 6.81 -32.91 -26.39
N ALA H 31 7.82 -32.55 -27.17
CA ALA H 31 7.62 -32.15 -28.56
C ALA H 31 8.23 -33.20 -29.50
N TYR H 32 7.43 -33.66 -30.45
CA TYR H 32 7.86 -34.65 -31.43
C TYR H 32 7.77 -34.06 -32.84
N PRO H 33 8.65 -34.50 -33.75
CA PRO H 33 8.69 -33.88 -35.08
C PRO H 33 7.48 -34.25 -35.92
N VAL H 34 7.10 -33.32 -36.80
CA VAL H 34 5.98 -33.53 -37.71
C VAL H 34 6.42 -33.17 -39.13
N SER H 35 6.95 -31.96 -39.29
CA SER H 35 7.38 -31.46 -40.59
C SER H 35 8.63 -30.60 -40.43
N GLY H 36 9.53 -30.70 -41.39
CA GLY H 36 10.75 -29.92 -41.39
C GLY H 36 11.83 -30.55 -40.53
N SER H 37 13.03 -29.98 -40.63
CA SER H 37 14.16 -30.44 -39.85
C SER H 37 14.11 -29.84 -38.45
N PRO H 38 14.03 -30.65 -37.39
CA PRO H 38 13.95 -30.10 -36.05
C PRO H 38 15.29 -30.07 -35.33
N GLU H 39 16.37 -29.86 -36.09
CA GLU H 39 17.71 -29.81 -35.51
C GLU H 39 17.94 -28.46 -34.82
N TYR H 40 18.77 -28.50 -33.76
CA TYR H 40 19.11 -27.34 -32.93
C TYR H 40 17.94 -26.88 -32.08
N LEU H 41 16.74 -27.44 -32.32
CA LEU H 41 15.60 -27.12 -31.47
C LEU H 41 15.82 -27.56 -30.03
N THR H 42 16.69 -28.54 -29.81
CA THR H 42 16.99 -28.98 -28.44
C THR H 42 17.53 -27.85 -27.59
N GLU H 43 18.36 -26.99 -28.16
CA GLU H 43 19.05 -25.95 -27.40
C GLU H 43 18.49 -24.57 -27.64
N ASP H 44 17.92 -24.32 -28.81
CA ASP H 44 17.40 -23.00 -29.09
C ASP H 44 16.08 -22.72 -28.40
N LEU H 45 15.44 -23.71 -27.90
CA LEU H 45 14.20 -23.54 -27.17
C LEU H 45 14.51 -23.28 -25.69
N PRO H 46 13.70 -22.46 -25.04
CA PRO H 46 13.86 -22.26 -23.59
C PRO H 46 13.28 -23.44 -22.82
N ASP H 47 13.50 -23.41 -21.51
CA ASP H 47 12.92 -24.43 -20.65
C ASP H 47 11.41 -24.27 -20.53
N SER H 48 10.91 -23.05 -20.69
CA SER H 48 9.49 -22.77 -20.54
C SER H 48 9.08 -21.77 -21.62
N ILE H 49 8.16 -22.17 -22.49
CA ILE H 49 7.66 -21.32 -23.56
C ILE H 49 6.45 -20.56 -23.05
N GLN H 50 6.51 -19.23 -23.06
CA GLN H 50 5.42 -18.39 -22.62
C GLN H 50 4.58 -17.97 -23.82
N VAL H 51 3.26 -18.14 -23.70
CA VAL H 51 2.34 -17.83 -24.79
C VAL H 51 1.84 -16.41 -24.61
N GLY H 52 2.05 -15.58 -25.64
CA GLY H 52 1.73 -14.16 -25.56
C GLY H 52 0.26 -13.83 -25.67
N GLY H 53 -0.44 -14.40 -26.64
CA GLY H 53 -1.85 -14.10 -26.80
C GLY H 53 -2.40 -14.62 -28.11
N ARG H 54 -3.46 -13.97 -28.58
CA ARG H 54 -4.21 -14.41 -29.75
C ARG H 54 -3.54 -13.93 -31.04
N ILE H 55 -3.83 -14.63 -32.13
CA ILE H 55 -3.50 -14.16 -33.47
C ILE H 55 -4.45 -14.83 -34.45
N SER H 56 -4.81 -14.12 -35.51
CA SER H 56 -5.75 -14.66 -36.47
C SER H 56 -5.08 -15.73 -37.32
N PRO H 57 -5.76 -16.85 -37.59
CA PRO H 57 -5.10 -17.95 -38.34
C PRO H 57 -4.68 -17.56 -39.75
N GLN H 58 -5.47 -16.76 -40.47
CA GLN H 58 -5.12 -16.44 -41.85
C GLN H 58 -3.92 -15.50 -41.93
N THR H 59 -3.64 -14.72 -40.90
CA THR H 59 -2.40 -13.95 -40.87
C THR H 59 -1.20 -14.89 -40.81
N VAL H 60 -1.29 -15.94 -39.99
CA VAL H 60 -0.17 -16.86 -39.84
C VAL H 60 0.09 -17.60 -41.15
N TRP H 61 -0.97 -17.94 -41.88
CA TRP H 61 -0.80 -18.71 -43.11
C TRP H 61 -0.57 -17.86 -44.34
N ASP H 62 -0.91 -16.57 -44.29
CA ASP H 62 -0.36 -15.65 -45.28
C ASP H 62 1.15 -15.49 -45.06
N TYR H 63 1.62 -15.70 -43.83
CA TYR H 63 3.03 -15.56 -43.53
C TYR H 63 3.84 -16.74 -44.07
N VAL H 64 3.44 -17.97 -43.72
CA VAL H 64 4.17 -19.14 -44.19
C VAL H 64 4.12 -19.22 -45.71
N GLU H 65 2.94 -18.98 -46.30
CA GLU H 65 2.82 -18.95 -47.76
C GLU H 65 3.81 -17.97 -48.37
N LYS H 66 4.04 -16.84 -47.70
CA LYS H 66 5.07 -15.91 -48.15
C LYS H 66 6.47 -16.49 -47.90
N ILE H 67 6.64 -17.22 -46.79
CA ILE H 67 7.96 -17.75 -46.46
C ILE H 67 8.37 -18.82 -47.47
N LYS H 68 7.45 -19.72 -47.84
CA LYS H 68 7.79 -20.75 -48.82
C LYS H 68 8.11 -20.15 -50.17
N ALA H 69 7.50 -19.02 -50.52
CA ALA H 69 7.92 -18.31 -51.72
C ALA H 69 9.36 -17.83 -51.60
N SER H 70 9.72 -17.31 -50.42
CA SER H 70 11.10 -16.95 -50.15
C SER H 70 11.94 -18.21 -49.92
N GLY H 71 13.25 -18.01 -49.87
CA GLY H 71 14.16 -19.10 -49.56
C GLY H 71 15.05 -18.73 -48.39
N THR H 72 14.55 -17.82 -47.54
CA THR H 72 15.33 -17.25 -46.45
C THR H 72 14.94 -17.78 -45.07
N LYS H 73 13.94 -18.65 -44.99
CA LYS H 73 13.47 -19.13 -43.69
C LYS H 73 13.01 -20.57 -43.81
N GLU H 74 13.46 -21.41 -42.87
CA GLU H 74 12.94 -22.76 -42.74
C GLU H 74 11.70 -22.77 -41.87
N ILE H 75 10.91 -23.83 -41.99
CA ILE H 75 9.66 -23.98 -41.25
C ILE H 75 9.62 -25.39 -40.67
N CYS H 76 9.41 -25.46 -39.36
CA CYS H 76 9.35 -26.73 -38.64
C CYS H 76 8.02 -26.82 -37.91
N VAL H 77 7.37 -27.97 -38.02
CA VAL H 77 6.12 -28.25 -37.31
C VAL H 77 6.39 -29.37 -36.31
N VAL H 78 5.97 -29.16 -35.07
CA VAL H 78 6.13 -30.15 -34.01
C VAL H 78 4.78 -30.38 -33.35
N ARG H 79 4.64 -31.56 -32.74
CA ARG H 79 3.41 -31.96 -32.06
C ARG H 79 3.70 -32.10 -30.58
N PHE H 80 2.85 -31.51 -29.75
CA PHE H 80 3.01 -31.50 -28.31
C PHE H 80 2.13 -32.55 -27.66
N THR H 81 2.68 -33.25 -26.67
CA THR H 81 1.95 -34.24 -25.89
C THR H 81 2.15 -33.98 -24.40
N PRO H 82 1.11 -34.12 -23.59
CA PRO H 82 1.28 -33.94 -22.15
C PRO H 82 2.01 -35.11 -21.51
N VAL H 83 2.79 -34.79 -20.49
CA VAL H 83 3.62 -35.79 -19.82
C VAL H 83 2.85 -36.54 -18.72
N THR H 84 1.88 -35.88 -18.09
CA THR H 84 1.18 -36.44 -16.94
C THR H 84 -0.30 -36.15 -17.07
N GLU H 85 -1.13 -37.02 -16.47
CA GLU H 85 -2.57 -36.77 -16.40
C GLU H 85 -2.86 -35.38 -15.83
N GLU H 86 -1.99 -34.88 -14.95
CA GLU H 86 -2.13 -33.51 -14.47
C GLU H 86 -1.82 -32.51 -15.57
N ASP H 87 -0.79 -32.79 -16.38
CA ASP H 87 -0.46 -31.91 -17.50
C ASP H 87 -1.55 -31.93 -18.56
N GLN H 88 -2.18 -33.10 -18.76
CA GLN H 88 -3.19 -33.23 -19.80
C GLN H 88 -4.41 -32.36 -19.53
N ILE H 89 -4.69 -32.09 -18.25
CA ILE H 89 -5.83 -31.22 -17.92
C ILE H 89 -5.56 -29.79 -18.38
N SER H 90 -4.39 -29.25 -18.01
CA SER H 90 -4.02 -27.92 -18.50
C SER H 90 -3.78 -27.93 -20.00
N TYR H 91 -3.32 -29.06 -20.55
CA TYR H 91 -3.19 -29.20 -22.00
C TYR H 91 -4.54 -29.06 -22.68
N THR H 92 -5.57 -29.73 -22.14
CA THR H 92 -6.90 -29.63 -22.71
C THR H 92 -7.45 -28.22 -22.58
N LEU H 93 -7.18 -27.55 -21.46
CA LEU H 93 -7.66 -26.18 -21.27
C LEU H 93 -7.07 -25.24 -22.30
N LEU H 94 -5.79 -25.41 -22.63
CA LEU H 94 -5.17 -24.54 -23.63
C LEU H 94 -5.69 -24.83 -25.03
N PHE H 95 -5.89 -26.10 -25.36
CA PHE H 95 -6.53 -26.43 -26.63
C PHE H 95 -7.93 -25.84 -26.70
N ALA H 96 -8.71 -26.02 -25.63
CA ALA H 96 -10.08 -25.50 -25.61
C ALA H 96 -10.09 -23.98 -25.72
N TYR H 97 -9.11 -23.31 -25.09
CA TYR H 97 -9.05 -21.85 -25.17
C TYR H 97 -8.88 -21.38 -26.61
N PHE H 98 -7.83 -21.86 -27.28
CA PHE H 98 -7.54 -21.39 -28.63
C PHE H 98 -8.55 -21.92 -29.64
N SER H 99 -9.05 -23.14 -29.44
CA SER H 99 -9.97 -23.72 -30.43
C SER H 99 -11.35 -23.10 -30.34
N SER H 100 -11.85 -22.84 -29.12
CA SER H 100 -13.16 -22.22 -28.97
C SER H 100 -13.21 -20.85 -29.61
N ARG H 101 -12.06 -20.16 -29.67
CA ARG H 101 -11.97 -18.85 -30.29
C ARG H 101 -11.36 -18.89 -31.68
N LYS H 102 -10.89 -20.06 -32.13
CA LYS H 102 -10.34 -20.26 -33.48
C LYS H 102 -9.22 -19.27 -33.77
N ARG H 103 -8.31 -19.12 -32.81
CA ARG H 103 -7.13 -18.30 -32.96
C ARG H 103 -5.92 -19.10 -32.49
N TYR H 104 -4.74 -18.55 -32.76
CA TYR H 104 -3.49 -19.25 -32.49
C TYR H 104 -2.67 -18.48 -31.47
N GLY H 105 -1.95 -19.23 -30.63
CA GLY H 105 -1.07 -18.62 -29.68
C GLY H 105 0.25 -18.21 -30.30
N VAL H 106 0.83 -17.15 -29.75
CA VAL H 106 2.12 -16.63 -30.20
C VAL H 106 3.12 -16.76 -29.07
N ALA H 107 4.25 -17.41 -29.34
CA ALA H 107 5.31 -17.49 -28.35
C ALA H 107 5.88 -16.11 -28.08
N ALA H 108 6.08 -15.81 -26.79
CA ALA H 108 6.56 -14.51 -26.37
C ALA H 108 8.06 -14.47 -26.13
N ASN H 109 8.69 -15.61 -25.89
CA ASN H 109 10.12 -15.63 -25.60
C ASN H 109 10.92 -15.13 -26.79
N ASN H 110 12.06 -14.51 -26.48
CA ASN H 110 13.03 -14.11 -27.49
C ASN H 110 14.10 -15.19 -27.57
N LYS H 112 17.20 -17.61 -29.73
CA LYS H 112 18.39 -17.38 -30.55
C LYS H 112 18.11 -17.53 -32.05
N GLN H 113 17.91 -18.76 -32.51
CA GLN H 113 17.64 -19.02 -33.93
C GLN H 113 16.15 -19.08 -34.25
N VAL H 114 15.27 -18.90 -33.27
CA VAL H 114 13.82 -18.93 -33.50
C VAL H 114 13.33 -17.51 -33.70
N LYS H 115 12.56 -17.30 -34.76
CA LYS H 115 12.03 -15.98 -35.11
C LYS H 115 10.54 -15.84 -34.83
N ASP H 116 9.75 -16.88 -35.14
CA ASP H 116 8.32 -16.87 -34.87
C ASP H 116 7.89 -18.28 -34.51
N TYR H 118 4.26 -20.41 -33.30
CA TYR H 118 2.82 -20.36 -33.13
C TYR H 118 2.30 -21.69 -32.61
N LEU H 119 1.29 -21.63 -31.76
CA LEU H 119 0.65 -22.81 -31.18
C LEU H 119 -0.71 -22.99 -31.85
N ILE H 120 -0.87 -24.07 -32.60
CA ILE H 120 -2.03 -24.31 -33.44
C ILE H 120 -2.86 -25.43 -32.81
N PRO H 121 -4.10 -25.17 -32.42
CA PRO H 121 -5.00 -26.25 -31.98
C PRO H 121 -5.54 -27.00 -33.19
N LEU H 122 -5.26 -28.30 -33.25
CA LEU H 122 -5.71 -29.15 -34.34
C LEU H 122 -6.73 -30.16 -33.80
N GLY H 123 -7.97 -30.05 -34.25
CA GLY H 123 -9.00 -30.96 -33.80
C GLY H 123 -8.71 -32.39 -34.23
N ALA H 124 -9.35 -33.33 -33.53
CA ALA H 124 -9.13 -34.75 -33.80
C ALA H 124 -9.55 -35.12 -35.22
N THR H 125 -10.58 -34.45 -35.76
CA THR H 125 -11.07 -34.74 -37.10
C THR H 125 -10.97 -33.54 -38.04
N ASP H 126 -10.29 -32.47 -37.62
CA ASP H 126 -10.11 -31.31 -38.47
C ASP H 126 -9.28 -31.66 -39.70
N LYS H 127 -9.55 -30.97 -40.79
CA LYS H 127 -8.64 -31.02 -41.94
C LYS H 127 -7.34 -30.34 -41.57
N ILE H 128 -6.22 -30.99 -41.84
CA ILE H 128 -4.93 -30.36 -41.57
C ILE H 128 -4.71 -29.23 -42.55
N PRO H 129 -4.37 -28.03 -42.08
CA PRO H 129 -4.50 -26.82 -42.92
C PRO H 129 -3.74 -26.92 -44.23
N HIS H 130 -4.32 -26.28 -45.26
CA HIS H 130 -3.75 -26.31 -46.61
C HIS H 130 -2.29 -25.85 -46.68
N PRO H 131 -1.89 -24.73 -46.07
CA PRO H 131 -0.48 -24.30 -46.21
C PRO H 131 0.51 -25.26 -45.58
N LEU H 132 0.08 -26.16 -44.70
CA LEU H 132 0.97 -27.13 -44.11
C LEU H 132 0.98 -28.45 -44.88
N VAL H 133 -0.01 -28.71 -45.71
CA VAL H 133 -0.03 -29.93 -46.52
C VAL H 133 0.85 -29.71 -47.75
N PRO H 134 1.72 -30.67 -48.11
CA PRO H 134 1.90 -31.95 -47.43
C PRO H 134 2.99 -31.93 -46.36
N PHE H 135 3.15 -33.05 -45.67
CA PHE H 135 4.09 -33.16 -44.56
C PHE H 135 5.37 -33.82 -45.04
N ASP H 136 6.47 -33.07 -44.99
CA ASP H 136 7.81 -33.63 -45.18
C ASP H 136 8.31 -34.07 -43.81
N GLY H 137 8.11 -35.35 -43.49
CA GLY H 137 8.49 -35.87 -42.20
C GLY H 137 7.52 -36.93 -41.71
N PRO H 138 7.56 -37.24 -40.42
CA PRO H 138 6.66 -38.27 -39.89
C PRO H 138 5.19 -37.96 -40.08
N GLY H 139 4.80 -36.70 -39.95
CA GLY H 139 3.42 -36.33 -40.14
C GLY H 139 2.55 -36.65 -38.92
N LEU H 140 1.26 -36.74 -39.16
CA LEU H 140 0.28 -37.01 -38.13
C LEU H 140 -0.62 -38.17 -38.55
N GLU H 141 -0.90 -39.06 -37.61
CA GLU H 141 -1.81 -40.15 -37.87
C GLU H 141 -3.22 -39.61 -38.14
N LEU H 142 -4.00 -40.41 -38.87
CA LEU H 142 -5.38 -40.00 -39.16
C LEU H 142 -6.23 -40.04 -37.89
N HIS H 143 -6.17 -41.13 -37.15
CA HIS H 143 -6.89 -41.25 -35.88
C HIS H 143 -5.99 -40.71 -34.78
N ARG H 144 -6.30 -39.51 -34.31
CA ARG H 144 -5.45 -38.78 -33.39
C ARG H 144 -6.32 -38.04 -32.38
N PRO H 145 -5.79 -37.72 -31.21
CA PRO H 145 -6.51 -36.87 -30.27
C PRO H 145 -6.37 -35.40 -30.65
N ASN H 146 -7.08 -34.55 -29.92
CA ASN H 146 -6.94 -33.11 -30.10
C ASN H 146 -5.52 -32.69 -29.75
N LEU H 147 -4.83 -32.08 -30.72
CA LEU H 147 -3.41 -31.82 -30.61
C LEU H 147 -3.11 -30.33 -30.60
N LEU H 148 -2.07 -29.96 -29.86
CA LEU H 148 -1.48 -28.63 -29.92
C LEU H 148 -0.20 -28.74 -30.75
N LEU H 149 -0.19 -28.14 -31.92
CA LEU H 149 0.95 -28.19 -32.82
C LEU H 149 1.79 -26.93 -32.68
N GLY H 150 3.10 -27.10 -32.79
CA GLY H 150 4.02 -25.97 -32.73
C GLY H 150 4.60 -25.63 -34.08
N LEU H 151 4.27 -24.45 -34.59
CA LEU H 151 4.79 -23.96 -35.86
C LEU H 151 5.98 -23.06 -35.58
N ILE H 152 7.18 -23.55 -35.90
CA ILE H 152 8.44 -22.89 -35.55
C ILE H 152 9.10 -22.43 -36.84
N ILE H 153 9.34 -21.11 -36.93
CA ILE H 153 9.98 -20.50 -38.09
C ILE H 153 11.38 -20.05 -37.69
N ARG H 154 12.37 -20.40 -38.50
CA ARG H 154 13.75 -20.06 -38.24
C ARG H 154 14.40 -19.50 -39.50
N GLN H 155 15.55 -18.86 -39.33
CA GLN H 155 16.31 -18.31 -40.44
C GLN H 155 17.33 -19.33 -40.92
N LYS H 156 17.35 -19.58 -42.22
CA LYS H 156 18.26 -20.56 -42.81
C LYS H 156 19.69 -20.07 -42.68
N LEU H 157 20.48 -20.75 -41.87
CA LEU H 157 21.90 -20.39 -41.69
C LEU H 157 22.75 -21.64 -41.51
#